data_7MDX
#
_entry.id   7MDX
#
_cell.length_a   1.00
_cell.length_b   1.00
_cell.length_c   1.00
_cell.angle_alpha   90.00
_cell.angle_beta   90.00
_cell.angle_gamma   90.00
#
_symmetry.space_group_name_H-M   'P 1'
#
loop_
_entity.id
_entity.type
_entity.pdbx_description
1 polymer 'Lipoprotein-releasing system transmembrane protein LolC'
2 polymer 'Lipoprotein-releasing system transmembrane protein LolE'
3 polymer 'Lipoprotein-releasing system ATP-binding protein LolD'
4 polymer Triacyl-lipoprotein
5 non-polymer 'PENTADECANOIC ACID'
6 non-polymer '(2R)-2-(tridecanoyloxy)propyl hexadecanoate'
#
loop_
_entity_poly.entity_id
_entity_poly.type
_entity_poly.pdbx_seq_one_letter_code
_entity_poly.pdbx_strand_id
1 'polypeptide(L)'
;YQPVALFIGLRYMRGRAADRFGRFVSWLSTIGITLGVMALVTVLSVMNGFERELQNNILGLMPQAILSSEHGSLNPQQLP
ETAVKLDGVNRVAPITTGDVVLQSARSVAVGVMLGIDPAQKDPLTPYLVNVKQTDLEPGKYNVILGEQLASQLGVNRGDQ
IRVMVPSASQFTPMGRIPSQRLFNVIGTFAANSEVDGYEMLVNIEDASRLMRYPAGNITGWRLWLDEPLKVDSLSQQKLP
EGSKWQDWRDRKGELFQAVRMEKNMMGLLLSLIVAVAAFNIITSLGLMVMEKQGEVAILQTQGLTPRQIMMVFMVQGASA
GIIGAILGAALGALLASQLNNLMPIIGVLLDGAALPVAIEPLQVIVIALVAMAIALLSTLYPSWRAAATQPAE
;
A
2 'polypeptide(L)'
;SLLIGLRFSRGRRRGGMVSLISVISTIGIALGVAVLIVGLSAMNGFERELNNRILAVVPHGEIEAVDQPWTNWQEALDHV
QKVPGIAAAAPYINFTGLVESGANLRAIQVKGVNPQQEQRLSALPSFVQGDAWRNFKAGEQQIIIGKGVADALKVKQGDW
VSIMIPNSNPEHKLMQPKRVRLHVAGILQLSGQLDHSFAMIPLADAQQYLDMGSSVSGIALKMTDVFNANKLVRDAGEVT
NSYVYIKSWIGTYGYMYRDIQMIRAIMYLAMVLVIGVACFNIVSTLVMAVKDKSGDIAVLRTLGAKDGLIRAIFVWYGLL
AGLFGSLCGVIIGVVVSLQLTPIIEWIEKLIGHQFLSSDIYFIDFLPSELHWLDVFYVLVTALLLSLLASWYPARRASNI
DPA
;
B
3 'polypeptide(L)'
;ILLQCDNLCKRYQEGSVQTDVLHNVSFSVGEGEMMAIVGSSGSGKSTLLHLLGGLDTPTSGDVIFNGQPMSKLSSAAKAE
LRNQKLGFIYQFHHLLPDFTALENVAMPLLIGKKKPAEINSRALEMLKAVGLDHRANHRPSELSGGERQRVAIARALVNN
PRLVLADEPTGNLDARNADSIFQLLGELNRLQGTAFLVVTHDLQLAKRMSRQLEMRDG
;
D,C
4 'polypeptide(D)' (DCY)(DSN)(DAL)(DAL)AA E
#
# COMPACT_ATOMS: atom_id res chain seq x y z
N TYR A 1 -23.91 7.88 -24.74
CA TYR A 1 -24.63 6.90 -25.54
C TYR A 1 -25.42 5.94 -24.66
N GLN A 2 -24.96 5.77 -23.41
CA GLN A 2 -25.65 4.92 -22.46
C GLN A 2 -26.34 5.79 -21.42
N PRO A 3 -27.68 5.84 -21.38
CA PRO A 3 -28.35 6.69 -20.40
C PRO A 3 -28.11 6.25 -18.96
N VAL A 4 -26.85 6.10 -18.57
CA VAL A 4 -26.49 5.74 -17.20
C VAL A 4 -25.38 6.66 -16.73
N ALA A 5 -25.00 7.62 -17.57
CA ALA A 5 -23.94 8.59 -17.30
C ALA A 5 -22.58 7.92 -17.15
N LEU A 6 -22.49 6.63 -17.44
CA LEU A 6 -21.19 5.96 -17.43
C LEU A 6 -20.35 6.33 -18.65
N PHE A 7 -20.95 6.98 -19.65
CA PHE A 7 -20.17 7.46 -20.79
C PHE A 7 -19.09 8.43 -20.34
N ILE A 8 -19.44 9.34 -19.43
CA ILE A 8 -18.49 10.35 -18.95
C ILE A 8 -17.32 9.67 -18.26
N GLY A 9 -17.62 8.73 -17.37
CA GLY A 9 -16.55 8.03 -16.67
C GLY A 9 -15.69 7.19 -17.58
N LEU A 10 -16.31 6.49 -18.53
CA LEU A 10 -15.56 5.67 -19.47
C LEU A 10 -14.65 6.52 -20.33
N ARG A 11 -15.12 7.71 -20.75
CA ARG A 11 -14.26 8.58 -21.54
C ARG A 11 -13.15 9.19 -20.69
N TYR A 12 -13.41 9.43 -19.41
CA TYR A 12 -12.33 9.86 -18.52
C TYR A 12 -11.28 8.77 -18.38
N MET A 13 -11.70 7.51 -18.34
CA MET A 13 -10.75 6.40 -18.32
C MET A 13 -9.82 6.45 -19.51
N ARG A 14 -10.39 6.55 -20.73
CA ARG A 14 -9.56 6.62 -21.93
C ARG A 14 -8.81 7.93 -22.01
N GLY A 15 -9.45 9.02 -21.65
CA GLY A 15 -8.80 10.32 -21.62
C GLY A 15 -8.60 10.91 -23.00
N ARG A 16 -8.17 12.17 -23.01
CA ARG A 16 -7.93 12.90 -24.25
C ARG A 16 -6.56 12.52 -24.80
N ALA A 17 -6.08 13.28 -25.79
CA ALA A 17 -4.79 13.00 -26.40
C ALA A 17 -3.66 13.15 -25.40
N ALA A 18 -3.74 14.15 -24.52
CA ALA A 18 -2.69 14.44 -23.55
C ALA A 18 -3.19 14.22 -22.12
N ASP A 19 -3.90 13.13 -21.89
CA ASP A 19 -4.45 12.81 -20.58
C ASP A 19 -3.56 11.80 -19.86
N ARG A 20 -4.05 11.29 -18.74
CA ARG A 20 -3.27 10.45 -17.84
C ARG A 20 -3.32 8.97 -18.18
N PHE A 21 -4.04 8.58 -19.24
CA PHE A 21 -4.09 7.17 -19.61
C PHE A 21 -2.72 6.66 -20.03
N GLY A 22 -1.98 7.45 -20.80
CA GLY A 22 -0.64 7.11 -21.22
C GLY A 22 0.47 7.62 -20.33
N ARG A 23 0.14 8.37 -19.28
CA ARG A 23 1.12 8.89 -18.36
C ARG A 23 1.24 8.06 -17.09
N PHE A 24 0.62 6.88 -17.07
CA PHE A 24 0.68 5.96 -15.93
C PHE A 24 0.25 6.65 -14.64
N VAL A 25 -0.83 7.42 -14.72
CA VAL A 25 -1.41 8.04 -13.52
C VAL A 25 -2.84 7.60 -13.26
N SER A 26 -3.63 7.27 -14.28
CA SER A 26 -4.96 6.72 -14.06
C SER A 26 -4.91 5.22 -13.74
N TRP A 27 -3.99 4.49 -14.36
CA TRP A 27 -3.85 3.06 -14.14
C TRP A 27 -2.82 2.72 -13.06
N LEU A 28 -2.21 3.74 -12.44
CA LEU A 28 -1.26 3.48 -11.36
C LEU A 28 -1.96 2.81 -10.18
N SER A 29 -3.16 3.27 -9.86
CA SER A 29 -3.97 2.59 -8.84
C SER A 29 -4.27 1.16 -9.27
N THR A 30 -4.55 0.96 -10.55
CA THR A 30 -4.86 -0.38 -11.04
C THR A 30 -3.67 -1.32 -10.84
N ILE A 31 -2.46 -0.87 -11.20
CA ILE A 31 -1.31 -1.74 -11.05
C ILE A 31 -0.97 -1.94 -9.56
N GLY A 32 -1.21 -0.92 -8.73
CA GLY A 32 -1.00 -1.12 -7.30
C GLY A 32 -1.91 -2.19 -6.73
N ILE A 33 -3.20 -2.14 -7.09
CA ILE A 33 -4.14 -3.16 -6.66
C ILE A 33 -3.74 -4.52 -7.24
N THR A 34 -3.22 -4.52 -8.47
CA THR A 34 -2.80 -5.76 -9.10
C THR A 34 -1.67 -6.42 -8.31
N LEU A 35 -0.65 -5.65 -7.94
CA LEU A 35 0.44 -6.20 -7.14
C LEU A 35 -0.03 -6.64 -5.77
N GLY A 36 -0.94 -5.87 -5.16
CA GLY A 36 -1.47 -6.28 -3.87
C GLY A 36 -2.18 -7.62 -3.93
N VAL A 37 -3.05 -7.78 -4.93
CA VAL A 37 -3.76 -9.05 -5.10
C VAL A 37 -2.79 -10.16 -5.48
N MET A 38 -1.76 -9.83 -6.26
CA MET A 38 -0.71 -10.79 -6.58
C MET A 38 -0.10 -11.37 -5.32
N ALA A 39 0.34 -10.50 -4.41
CA ALA A 39 0.93 -10.97 -3.16
C ALA A 39 -0.08 -11.79 -2.37
N LEU A 40 -1.29 -11.23 -2.17
CA LEU A 40 -2.36 -11.94 -1.47
C LEU A 40 -2.50 -13.37 -1.98
N VAL A 41 -2.89 -13.51 -3.26
CA VAL A 41 -3.26 -14.83 -3.77
C VAL A 41 -2.04 -15.77 -3.79
N THR A 42 -0.89 -15.28 -4.26
CA THR A 42 0.25 -16.17 -4.41
C THR A 42 0.73 -16.69 -3.06
N VAL A 43 0.98 -15.79 -2.12
CA VAL A 43 1.53 -16.22 -0.83
C VAL A 43 0.49 -17.02 -0.06
N LEU A 44 -0.77 -16.58 -0.07
CA LEU A 44 -1.80 -17.30 0.65
C LEU A 44 -2.00 -18.70 0.08
N SER A 45 -1.97 -18.84 -1.24
CA SER A 45 -2.12 -20.16 -1.85
C SER A 45 -0.94 -21.06 -1.51
N VAL A 46 0.29 -20.53 -1.56
CA VAL A 46 1.44 -21.36 -1.23
C VAL A 46 1.39 -21.82 0.22
N MET A 47 1.06 -20.91 1.14
CA MET A 47 1.02 -21.28 2.54
C MET A 47 -0.17 -22.18 2.86
N ASN A 48 -1.27 -22.03 2.14
CA ASN A 48 -2.37 -22.98 2.24
C ASN A 48 -1.94 -24.36 1.74
N GLY A 49 -1.11 -24.40 0.69
CA GLY A 49 -0.56 -25.67 0.25
C GLY A 49 0.32 -26.31 1.32
N PHE A 50 1.13 -25.48 1.99
CA PHE A 50 1.87 -25.98 3.15
C PHE A 50 0.94 -26.59 4.18
N GLU A 51 -0.16 -25.90 4.48
CA GLU A 51 -1.10 -26.42 5.47
C GLU A 51 -1.72 -27.73 5.02
N ARG A 52 -2.09 -27.83 3.74
CA ARG A 52 -2.69 -29.05 3.21
C ARG A 52 -1.69 -30.20 3.23
N GLU A 53 -0.41 -29.91 3.02
CA GLU A 53 0.60 -30.95 3.14
C GLU A 53 0.60 -31.58 4.53
N LEU A 54 0.30 -30.76 5.55
CA LEU A 54 0.17 -31.30 6.90
C LEU A 54 -1.14 -32.06 7.08
N GLN A 55 -2.17 -31.71 6.30
CA GLN A 55 -3.43 -32.45 6.36
C GLN A 55 -3.23 -33.91 6.00
N ASN A 56 -2.50 -34.18 4.91
CA ASN A 56 -2.24 -35.55 4.50
C ASN A 56 -1.18 -36.23 5.38
N ASN A 57 -0.33 -35.46 6.04
CA ASN A 57 0.77 -36.04 6.80
C ASN A 57 0.31 -36.50 8.18
N ILE A 58 -0.19 -35.57 8.99
CA ILE A 58 -0.50 -35.88 10.39
C ILE A 58 -2.00 -36.10 10.63
N LEU A 59 -2.84 -35.90 9.63
CA LEU A 59 -4.25 -36.28 9.73
C LEU A 59 -4.64 -37.40 8.79
N GLY A 60 -3.93 -37.59 7.68
CA GLY A 60 -4.22 -38.68 6.78
C GLY A 60 -3.75 -40.03 7.25
N LEU A 61 -3.05 -40.07 8.38
CA LEU A 61 -2.59 -41.31 8.97
C LEU A 61 -2.95 -41.40 10.44
N MET A 62 -3.99 -40.68 10.86
CA MET A 62 -4.37 -40.51 12.25
C MET A 62 -5.87 -40.76 12.41
N PRO A 63 -6.30 -41.31 13.54
CA PRO A 63 -7.73 -41.41 13.80
C PRO A 63 -8.38 -40.03 13.81
N GLN A 64 -9.59 -39.97 13.27
CA GLN A 64 -10.33 -38.71 13.13
C GLN A 64 -11.73 -38.91 13.68
N ALA A 65 -12.00 -38.31 14.84
CA ALA A 65 -13.35 -38.21 15.40
C ALA A 65 -13.98 -39.59 15.60
N ILE A 66 -13.39 -40.35 16.54
CA ILE A 66 -13.97 -41.63 16.92
C ILE A 66 -15.28 -41.39 17.67
N LEU A 67 -16.28 -42.21 17.38
CA LEU A 67 -17.62 -42.05 17.95
C LEU A 67 -17.77 -43.03 19.11
N SER A 68 -17.64 -42.53 20.34
CA SER A 68 -17.67 -43.36 21.54
C SER A 68 -18.90 -43.02 22.38
N SER A 69 -19.44 -44.04 23.05
CA SER A 69 -20.65 -43.88 23.83
C SER A 69 -20.39 -43.08 25.11
N GLU A 70 -21.46 -42.50 25.65
CA GLU A 70 -21.35 -41.64 26.83
C GLU A 70 -20.84 -42.43 28.04
N HIS A 71 -21.38 -43.63 28.26
CA HIS A 71 -20.98 -44.40 29.43
C HIS A 71 -19.52 -44.85 29.33
N GLY A 72 -19.11 -45.29 28.14
CA GLY A 72 -17.77 -45.79 27.93
C GLY A 72 -17.61 -46.41 26.56
N SER A 73 -17.03 -47.60 26.50
CA SER A 73 -16.97 -48.33 25.25
C SER A 73 -18.37 -48.65 24.75
N LEU A 74 -18.55 -48.55 23.43
CA LEU A 74 -19.86 -48.71 22.81
C LEU A 74 -19.99 -50.15 22.34
N ASN A 75 -21.01 -50.84 22.84
CA ASN A 75 -21.29 -52.20 22.41
C ASN A 75 -21.84 -52.17 20.99
N PRO A 76 -21.22 -52.89 20.05
CA PRO A 76 -21.69 -52.82 18.65
C PRO A 76 -23.12 -53.27 18.47
N GLN A 77 -23.62 -54.16 19.33
CA GLN A 77 -25.01 -54.58 19.23
C GLN A 77 -25.97 -53.44 19.57
N GLN A 78 -25.62 -52.62 20.56
CA GLN A 78 -26.50 -51.55 20.98
C GLN A 78 -26.65 -50.48 19.89
N LEU A 79 -25.54 -50.05 19.32
CA LEU A 79 -25.53 -49.02 18.27
C LEU A 79 -24.71 -49.53 17.09
N PRO A 80 -25.30 -50.38 16.25
CA PRO A 80 -24.56 -50.92 15.10
C PRO A 80 -24.18 -49.83 14.13
N GLU A 81 -23.13 -50.13 13.34
CA GLU A 81 -22.68 -49.19 12.32
C GLU A 81 -23.66 -49.05 11.16
N THR A 82 -24.68 -49.90 11.10
CA THR A 82 -25.65 -49.84 10.01
C THR A 82 -26.51 -48.59 10.06
N ALA A 83 -26.49 -47.85 11.17
CA ALA A 83 -27.34 -46.67 11.35
C ALA A 83 -26.56 -45.53 11.98
N VAL A 84 -25.35 -45.28 11.49
CA VAL A 84 -24.55 -44.15 11.98
C VAL A 84 -24.09 -43.30 10.81
N LYS A 85 -24.87 -43.28 9.73
CA LYS A 85 -24.54 -42.43 8.60
C LYS A 85 -24.81 -40.96 8.91
N LEU A 86 -23.78 -40.26 9.39
CA LEU A 86 -23.86 -38.84 9.67
C LEU A 86 -23.32 -38.06 8.48
N ASP A 87 -24.03 -37.02 8.08
CA ASP A 87 -23.63 -36.26 6.90
C ASP A 87 -22.26 -35.61 7.11
N GLY A 88 -21.46 -35.61 6.06
CA GLY A 88 -20.13 -35.03 6.08
C GLY A 88 -19.00 -36.02 6.16
N VAL A 89 -19.26 -37.26 6.55
CA VAL A 89 -18.20 -38.26 6.65
C VAL A 89 -17.98 -38.89 5.28
N ASN A 90 -16.89 -39.64 5.14
CA ASN A 90 -16.60 -40.38 3.92
C ASN A 90 -17.00 -41.85 4.03
N ARG A 91 -16.46 -42.56 5.03
CA ARG A 91 -16.87 -43.92 5.31
C ARG A 91 -16.64 -44.18 6.80
N VAL A 92 -16.74 -45.45 7.21
CA VAL A 92 -16.68 -45.80 8.62
C VAL A 92 -15.96 -47.13 8.77
N ALA A 93 -15.29 -47.30 9.91
CA ALA A 93 -14.58 -48.53 10.24
C ALA A 93 -14.32 -48.58 11.74
N PRO A 94 -14.49 -49.74 12.38
CA PRO A 94 -14.21 -49.83 13.82
C PRO A 94 -12.74 -49.63 14.11
N ILE A 95 -12.46 -49.09 15.29
CA ILE A 95 -11.09 -48.78 15.70
C ILE A 95 -11.06 -48.65 17.22
N THR A 96 -9.88 -48.84 17.80
CA THR A 96 -9.67 -48.69 19.23
C THR A 96 -8.31 -48.06 19.47
N THR A 97 -8.31 -46.93 20.19
CA THR A 97 -7.08 -46.20 20.48
C THR A 97 -7.01 -45.90 21.96
N GLY A 98 -5.79 -45.68 22.43
CA GLY A 98 -5.57 -45.33 23.82
C GLY A 98 -4.11 -45.03 24.06
N ASP A 99 -3.87 -44.30 25.15
CA ASP A 99 -2.51 -43.94 25.52
C ASP A 99 -1.81 -45.12 26.20
N VAL A 100 -0.68 -45.55 25.63
CA VAL A 100 0.10 -46.66 26.16
C VAL A 100 1.56 -46.26 26.16
N VAL A 101 2.36 -47.00 26.93
CA VAL A 101 3.80 -46.77 27.02
C VAL A 101 4.51 -48.06 26.67
N LEU A 102 5.59 -47.95 25.89
CA LEU A 102 6.32 -49.09 25.36
C LEU A 102 7.69 -49.14 26.01
N GLN A 103 8.04 -50.29 26.60
CA GLN A 103 9.37 -50.49 27.16
C GLN A 103 9.99 -51.73 26.53
N SER A 104 11.16 -51.56 25.92
CA SER A 104 11.90 -52.66 25.33
C SER A 104 12.92 -53.17 26.34
N ALA A 105 13.86 -54.00 25.87
CA ALA A 105 14.93 -54.45 26.74
C ALA A 105 15.84 -53.29 27.17
N ARG A 106 16.09 -52.34 26.28
CA ARG A 106 17.02 -51.24 26.55
C ARG A 106 16.30 -49.95 26.93
N SER A 107 15.44 -49.45 26.07
CA SER A 107 14.85 -48.12 26.22
C SER A 107 13.35 -48.22 26.45
N VAL A 108 12.73 -47.05 26.64
CA VAL A 108 11.30 -46.94 26.92
C VAL A 108 10.74 -45.80 26.06
N ALA A 109 9.49 -45.95 25.64
CA ALA A 109 8.85 -44.95 24.79
C ALA A 109 7.34 -44.98 25.06
N VAL A 110 6.67 -43.93 24.58
CA VAL A 110 5.23 -43.75 24.77
C VAL A 110 4.58 -43.53 23.41
N GLY A 111 3.38 -44.08 23.24
CA GLY A 111 2.66 -43.93 21.99
C GLY A 111 1.19 -44.25 22.16
N VAL A 112 0.47 -44.17 21.04
CA VAL A 112 -0.94 -44.53 21.01
C VAL A 112 -1.12 -45.65 19.99
N MET A 113 -1.90 -46.66 20.36
CA MET A 113 -2.07 -47.87 19.58
C MET A 113 -3.38 -47.84 18.79
N LEU A 114 -3.36 -48.54 17.65
CA LEU A 114 -4.50 -48.58 16.74
C LEU A 114 -5.09 -49.98 16.73
N GLY A 115 -6.27 -50.13 17.32
CA GLY A 115 -7.01 -51.38 17.28
C GLY A 115 -7.80 -51.53 16.00
N ILE A 116 -7.14 -51.89 14.91
CA ILE A 116 -7.76 -51.97 13.60
C ILE A 116 -7.87 -53.44 13.18
N ASP A 117 -8.84 -53.72 12.31
CA ASP A 117 -9.04 -55.04 11.76
C ASP A 117 -8.31 -55.14 10.43
N PRO A 118 -7.39 -56.09 10.25
CA PRO A 118 -6.69 -56.20 8.96
C PRO A 118 -7.59 -56.48 7.78
N ALA A 119 -8.82 -56.95 8.01
CA ALA A 119 -9.72 -57.26 6.90
C ALA A 119 -10.00 -56.02 6.06
N GLN A 120 -10.25 -54.88 6.71
CA GLN A 120 -10.44 -53.63 5.99
C GLN A 120 -9.08 -53.01 5.67
N LYS A 121 -9.07 -52.15 4.66
CA LYS A 121 -7.84 -51.49 4.24
C LYS A 121 -7.53 -50.33 5.18
N ASP A 122 -6.26 -49.97 5.22
CA ASP A 122 -5.69 -49.01 6.16
C ASP A 122 -4.95 -47.96 5.35
N PRO A 123 -5.13 -46.67 5.66
CA PRO A 123 -4.32 -45.65 4.99
C PRO A 123 -2.83 -45.80 5.21
N LEU A 124 -2.40 -46.58 6.20
CA LEU A 124 -0.99 -46.89 6.37
C LEU A 124 -0.52 -48.02 5.48
N THR A 125 -1.44 -48.77 4.85
CA THR A 125 -1.07 -49.93 4.04
C THR A 125 -0.03 -49.65 2.96
N PRO A 126 -0.11 -48.59 2.17
CA PRO A 126 0.94 -48.34 1.16
C PRO A 126 2.28 -47.91 1.75
N TYR A 127 2.44 -47.96 3.07
CA TYR A 127 3.67 -47.57 3.72
C TYR A 127 4.32 -48.69 4.52
N LEU A 128 3.69 -49.86 4.60
CA LEU A 128 4.34 -51.00 5.24
C LEU A 128 5.49 -51.51 4.38
N VAL A 129 6.47 -52.14 5.04
CA VAL A 129 7.62 -52.71 4.37
C VAL A 129 7.77 -54.17 4.79
N ASN A 130 7.71 -55.07 3.82
CA ASN A 130 8.01 -56.49 4.01
C ASN A 130 7.06 -57.10 5.05
N VAL A 131 5.89 -56.48 5.22
CA VAL A 131 4.91 -56.93 6.19
C VAL A 131 3.53 -56.81 5.58
N LYS A 132 2.69 -57.82 5.81
CA LYS A 132 1.29 -57.78 5.43
C LYS A 132 0.45 -57.97 6.68
N GLN A 133 -0.53 -57.09 6.87
CA GLN A 133 -1.23 -57.00 8.15
C GLN A 133 -2.16 -58.18 8.42
N THR A 134 -2.36 -59.07 7.45
CA THR A 134 -3.30 -60.18 7.65
C THR A 134 -2.85 -61.12 8.76
N ASP A 135 -1.59 -61.03 9.19
CA ASP A 135 -1.11 -61.84 10.30
C ASP A 135 -1.65 -61.39 11.65
N LEU A 136 -2.35 -60.25 11.70
CA LEU A 136 -2.87 -59.72 12.95
C LEU A 136 -4.15 -60.42 13.39
N GLU A 137 -4.10 -61.75 13.47
CA GLU A 137 -5.27 -62.51 13.90
C GLU A 137 -5.36 -62.52 15.42
N PRO A 138 -6.56 -62.71 15.97
CA PRO A 138 -6.71 -62.71 17.42
C PRO A 138 -5.92 -63.84 18.08
N GLY A 139 -5.41 -63.56 19.28
CA GLY A 139 -4.71 -64.56 20.05
C GLY A 139 -3.20 -64.43 20.03
N LYS A 140 -2.63 -64.13 18.86
CA LYS A 140 -1.19 -64.03 18.75
C LYS A 140 -0.61 -62.81 19.44
N TYR A 141 -1.43 -61.84 19.82
CA TYR A 141 -0.96 -60.61 20.47
C TYR A 141 0.11 -59.91 19.63
N ASN A 142 -0.15 -59.81 18.33
CA ASN A 142 0.79 -59.23 17.40
C ASN A 142 0.72 -57.71 17.43
N VAL A 143 1.75 -57.06 16.88
CA VAL A 143 1.84 -55.61 16.88
C VAL A 143 2.83 -55.20 15.80
N ILE A 144 2.58 -54.04 15.19
CA ILE A 144 3.47 -53.45 14.21
C ILE A 144 3.85 -52.05 14.67
N LEU A 145 5.15 -51.75 14.69
CA LEU A 145 5.67 -50.49 15.19
C LEU A 145 6.02 -49.57 14.02
N GLY A 146 6.45 -48.36 14.36
CA GLY A 146 6.88 -47.37 13.38
C GLY A 146 8.39 -47.33 13.29
N GLU A 147 8.90 -46.86 12.15
CA GLU A 147 10.34 -46.82 11.93
C GLU A 147 11.04 -45.99 12.99
N GLN A 148 10.55 -44.77 13.23
CA GLN A 148 11.12 -43.94 14.29
C GLN A 148 10.93 -44.57 15.66
N LEU A 149 9.74 -45.14 15.90
CA LEU A 149 9.50 -45.82 17.18
C LEU A 149 10.43 -47.01 17.34
N ALA A 150 10.63 -47.79 16.28
CA ALA A 150 11.54 -48.93 16.35
C ALA A 150 12.97 -48.48 16.63
N SER A 151 13.41 -47.41 15.96
CA SER A 151 14.75 -46.90 16.19
C SER A 151 14.91 -46.42 17.62
N GLN A 152 13.91 -45.73 18.16
CA GLN A 152 13.97 -45.26 19.54
C GLN A 152 14.00 -46.43 20.51
N LEU A 153 13.20 -47.47 20.26
CA LEU A 153 13.13 -48.63 21.13
C LEU A 153 14.21 -49.66 20.82
N GLY A 154 14.89 -49.56 19.68
CA GLY A 154 15.96 -50.48 19.35
C GLY A 154 15.50 -51.75 18.65
N VAL A 155 14.37 -52.30 19.09
CA VAL A 155 13.90 -53.56 18.54
C VAL A 155 13.55 -53.38 17.06
N ASN A 156 13.82 -54.42 16.27
CA ASN A 156 13.55 -54.39 14.83
C ASN A 156 12.48 -55.38 14.41
N ARG A 157 12.67 -56.66 14.71
CA ARG A 157 11.73 -57.69 14.29
C ARG A 157 11.95 -58.94 15.13
N GLY A 158 10.85 -59.58 15.52
CA GLY A 158 10.90 -60.81 16.29
C GLY A 158 11.13 -60.63 17.78
N ASP A 159 11.34 -59.40 18.24
CA ASP A 159 11.56 -59.15 19.66
C ASP A 159 10.22 -59.10 20.39
N GLN A 160 10.30 -59.15 21.72
CA GLN A 160 9.13 -59.10 22.59
C GLN A 160 9.16 -57.81 23.40
N ILE A 161 8.05 -57.07 23.38
CA ILE A 161 7.93 -55.82 24.11
C ILE A 161 6.66 -55.84 24.95
N ARG A 162 6.63 -54.99 25.97
CA ARG A 162 5.51 -54.91 26.89
C ARG A 162 4.79 -53.58 26.74
N VAL A 163 3.47 -53.64 26.89
CA VAL A 163 2.62 -52.45 26.82
C VAL A 163 1.96 -52.27 28.18
N MET A 164 2.03 -51.05 28.70
CA MET A 164 1.45 -50.70 30.00
C MET A 164 0.36 -49.66 29.77
N VAL A 165 -0.86 -50.00 30.15
CA VAL A 165 -2.00 -49.09 30.01
C VAL A 165 -2.18 -48.35 31.34
N PRO A 166 -1.94 -47.03 31.39
CA PRO A 166 -2.11 -46.30 32.66
C PRO A 166 -3.53 -46.33 33.18
N SER A 167 -4.54 -46.30 32.29
CA SER A 167 -5.93 -46.26 32.70
C SER A 167 -6.44 -47.68 32.94
N ALA A 168 -5.89 -48.31 33.98
CA ALA A 168 -6.27 -49.66 34.33
C ALA A 168 -5.84 -49.96 35.75
N SER A 169 -6.79 -50.41 36.58
CA SER A 169 -6.55 -50.88 37.95
C SER A 169 -5.85 -49.77 38.73
N GLN A 170 -4.63 -50.01 39.25
CA GLN A 170 -3.93 -49.07 40.13
C GLN A 170 -4.70 -48.83 41.43
N PHE A 171 -5.48 -49.82 41.87
CA PHE A 171 -6.28 -49.71 43.08
C PHE A 171 -5.98 -50.79 44.11
N THR A 172 -5.33 -51.88 43.73
CA THR A 172 -5.06 -52.97 44.66
C THR A 172 -4.11 -52.50 45.76
N PRO A 173 -4.35 -52.90 47.01
CA PRO A 173 -3.49 -52.47 48.12
C PRO A 173 -2.05 -52.96 48.02
N MET A 174 -1.74 -53.72 46.98
CA MET A 174 -0.36 -54.16 46.71
C MET A 174 0.47 -53.09 46.01
N GLY A 175 0.06 -51.84 46.09
CA GLY A 175 0.71 -50.74 45.39
C GLY A 175 0.10 -50.42 44.05
N ARG A 176 0.20 -51.36 43.10
CA ARG A 176 -0.39 -51.19 41.78
C ARG A 176 -0.36 -52.51 41.00
N ILE A 177 -1.42 -52.78 40.24
CA ILE A 177 -1.47 -53.96 39.38
C ILE A 177 -1.92 -53.51 38.00
N PRO A 178 -1.07 -52.80 37.24
CA PRO A 178 -1.49 -52.32 35.92
C PRO A 178 -1.67 -53.48 34.95
N SER A 179 -2.56 -53.28 33.98
CA SER A 179 -2.77 -54.28 32.94
C SER A 179 -1.53 -54.36 32.05
N GLN A 180 -0.88 -55.53 32.07
CA GLN A 180 0.36 -55.72 31.32
C GLN A 180 0.31 -57.08 30.64
N ARG A 181 0.52 -57.08 29.33
CA ARG A 181 0.59 -58.31 28.56
C ARG A 181 1.68 -58.17 27.51
N LEU A 182 2.45 -59.24 27.32
CA LEU A 182 3.55 -59.21 26.37
C LEU A 182 3.03 -59.28 24.93
N PHE A 183 3.69 -58.52 24.05
CA PHE A 183 3.44 -58.57 22.63
C PHE A 183 4.78 -58.72 21.90
N ASN A 184 4.70 -59.26 20.68
CA ASN A 184 5.89 -59.49 19.85
C ASN A 184 5.79 -58.66 18.58
N VAL A 185 6.92 -58.07 18.17
CA VAL A 185 6.97 -57.23 16.98
C VAL A 185 7.11 -58.09 15.74
N ILE A 186 6.50 -57.64 14.64
CA ILE A 186 6.62 -58.32 13.35
C ILE A 186 7.24 -57.46 12.27
N GLY A 187 7.09 -56.14 12.31
CA GLY A 187 7.66 -55.30 11.29
C GLY A 187 7.38 -53.83 11.57
N THR A 188 7.73 -52.99 10.59
CA THR A 188 7.60 -51.55 10.74
C THR A 188 6.89 -50.99 9.51
N PHE A 189 6.32 -49.80 9.70
CA PHE A 189 5.76 -49.01 8.60
C PHE A 189 6.54 -47.71 8.49
N ALA A 190 6.88 -47.33 7.27
CA ALA A 190 7.86 -46.27 7.05
C ALA A 190 7.27 -45.07 6.33
N ALA A 191 6.10 -44.61 6.77
CA ALA A 191 5.53 -43.39 6.22
C ALA A 191 6.42 -42.21 6.57
N ASN A 192 6.74 -41.39 5.57
CA ASN A 192 7.64 -40.25 5.76
C ASN A 192 6.84 -39.10 6.39
N SER A 193 6.54 -39.27 7.66
CA SER A 193 5.80 -38.26 8.41
C SER A 193 6.08 -38.44 9.90
N GLU A 194 5.73 -37.43 10.68
CA GLU A 194 6.06 -37.43 12.10
C GLU A 194 5.06 -38.23 12.93
N VAL A 195 4.06 -38.85 12.31
CA VAL A 195 3.14 -39.70 13.07
C VAL A 195 3.88 -40.87 13.69
N ASP A 196 5.04 -41.22 13.14
CA ASP A 196 5.88 -42.26 13.70
C ASP A 196 6.32 -41.89 15.12
N GLY A 197 6.75 -42.91 15.85
CA GLY A 197 7.19 -42.74 17.21
C GLY A 197 6.09 -42.81 18.25
N TYR A 198 4.83 -42.71 17.84
CA TYR A 198 3.72 -42.87 18.77
C TYR A 198 2.55 -43.63 18.16
N GLU A 199 2.72 -44.28 17.02
CA GLU A 199 1.64 -44.95 16.31
C GLU A 199 2.02 -46.40 16.08
N MET A 200 1.19 -47.32 16.57
CA MET A 200 1.40 -48.75 16.32
C MET A 200 0.06 -49.40 16.03
N LEU A 201 0.12 -50.50 15.30
CA LEU A 201 -1.08 -51.22 14.84
C LEU A 201 -1.25 -52.50 15.64
N VAL A 202 -2.45 -52.70 16.18
CA VAL A 202 -2.79 -53.91 16.93
C VAL A 202 -4.17 -54.39 16.47
N ASN A 203 -4.45 -55.66 16.78
CA ASN A 203 -5.75 -56.22 16.47
C ASN A 203 -6.81 -55.69 17.44
N ILE A 204 -8.05 -55.69 16.98
CA ILE A 204 -9.15 -55.13 17.78
C ILE A 204 -9.37 -55.94 19.04
N GLU A 205 -9.41 -57.27 18.91
CA GLU A 205 -9.68 -58.13 20.05
C GLU A 205 -8.58 -58.01 21.10
N ASP A 206 -7.32 -57.93 20.66
CA ASP A 206 -6.22 -57.71 21.59
C ASP A 206 -6.37 -56.38 22.30
N ALA A 207 -6.80 -55.35 21.58
CA ALA A 207 -7.06 -54.06 22.20
C ALA A 207 -8.15 -54.16 23.26
N SER A 208 -9.21 -54.91 22.96
CA SER A 208 -10.30 -55.07 23.91
C SER A 208 -9.83 -55.76 25.19
N ARG A 209 -9.04 -56.83 25.05
CA ARG A 209 -8.51 -57.49 26.24
C ARG A 209 -7.50 -56.61 26.97
N LEU A 210 -6.81 -55.74 26.24
CA LEU A 210 -5.81 -54.87 26.87
C LEU A 210 -6.46 -53.89 27.84
N MET A 211 -7.58 -53.31 27.44
CA MET A 211 -8.20 -52.21 28.19
C MET A 211 -9.27 -52.68 29.16
N ARG A 212 -9.42 -53.99 29.36
CA ARG A 212 -10.38 -54.59 30.29
C ARG A 212 -11.82 -54.28 29.95
N TYR A 213 -12.13 -53.99 28.69
CA TYR A 213 -13.52 -53.77 28.30
C TYR A 213 -14.30 -55.07 28.35
N PRO A 214 -15.46 -55.11 29.01
CA PRO A 214 -16.27 -56.34 29.01
C PRO A 214 -16.72 -56.69 27.60
N ALA A 215 -16.76 -58.00 27.32
CA ALA A 215 -17.18 -58.53 26.03
C ALA A 215 -16.30 -58.03 24.90
N GLY A 216 -16.68 -58.32 23.66
CA GLY A 216 -15.91 -57.89 22.51
C GLY A 216 -16.35 -56.56 21.95
N ASN A 217 -16.73 -55.63 22.83
CA ASN A 217 -17.17 -54.32 22.39
C ASN A 217 -16.00 -53.47 21.93
N ILE A 218 -16.32 -52.38 21.23
CA ILE A 218 -15.33 -51.50 20.63
C ILE A 218 -15.46 -50.12 21.27
N THR A 219 -14.36 -49.38 21.31
CA THR A 219 -14.40 -48.02 21.82
C THR A 219 -15.25 -47.11 20.94
N GLY A 220 -15.08 -47.21 19.63
CA GLY A 220 -15.81 -46.35 18.73
C GLY A 220 -15.45 -46.64 17.28
N TRP A 221 -16.04 -45.85 16.39
CA TRP A 221 -15.86 -46.00 14.96
C TRP A 221 -15.06 -44.82 14.41
N ARG A 222 -14.02 -45.12 13.65
CA ARG A 222 -13.26 -44.09 12.96
C ARG A 222 -14.14 -43.42 11.91
N LEU A 223 -14.14 -42.09 11.90
CA LEU A 223 -15.00 -41.30 11.02
C LEU A 223 -14.12 -40.44 10.12
N TRP A 224 -13.87 -40.90 8.91
CA TRP A 224 -13.16 -40.10 7.92
C TRP A 224 -13.96 -38.85 7.56
N LEU A 225 -13.25 -37.77 7.26
CA LEU A 225 -13.85 -36.53 6.81
C LEU A 225 -13.17 -36.09 5.53
N ASP A 226 -13.98 -35.59 4.58
CA ASP A 226 -13.42 -35.12 3.32
C ASP A 226 -12.59 -33.86 3.53
N GLU A 227 -13.03 -32.99 4.44
CA GLU A 227 -12.31 -31.76 4.79
C GLU A 227 -12.18 -31.71 6.31
N PRO A 228 -11.22 -32.46 6.87
CA PRO A 228 -11.14 -32.56 8.33
C PRO A 228 -10.83 -31.26 9.04
N LEU A 229 -10.28 -30.26 8.34
CA LEU A 229 -9.97 -28.99 9.00
C LEU A 229 -11.22 -28.30 9.53
N LYS A 230 -12.34 -28.45 8.84
CA LYS A 230 -13.60 -27.84 9.25
C LYS A 230 -14.40 -28.73 10.19
N VAL A 231 -13.73 -29.62 10.94
CA VAL A 231 -14.44 -30.62 11.74
C VAL A 231 -15.26 -29.94 12.84
N ASP A 232 -14.82 -28.77 13.31
CA ASP A 232 -15.52 -28.09 14.38
C ASP A 232 -16.96 -27.78 14.00
N SER A 233 -17.20 -27.53 12.71
CA SER A 233 -18.57 -27.38 12.24
C SER A 233 -19.35 -28.68 12.39
N LEU A 234 -18.71 -29.80 12.08
CA LEU A 234 -19.36 -31.10 12.21
C LEU A 234 -19.56 -31.51 13.66
N SER A 235 -18.95 -30.79 14.61
CA SER A 235 -19.09 -31.16 16.01
C SER A 235 -20.54 -31.10 16.47
N GLN A 236 -21.28 -30.08 16.03
CA GLN A 236 -22.70 -29.95 16.36
C GLN A 236 -23.49 -30.76 15.36
N GLN A 237 -23.84 -32.00 15.72
CA GLN A 237 -24.60 -32.87 14.85
C GLN A 237 -25.42 -33.82 15.70
N LYS A 238 -26.46 -34.37 15.10
CA LYS A 238 -27.39 -35.27 15.80
C LYS A 238 -26.75 -36.65 15.90
N LEU A 239 -26.03 -36.88 16.99
CA LEU A 239 -25.39 -38.16 17.22
C LEU A 239 -26.42 -39.19 17.64
N PRO A 240 -26.53 -40.33 16.96
CA PRO A 240 -27.51 -41.36 17.36
C PRO A 240 -27.34 -41.79 18.81
N GLU A 241 -28.38 -41.56 19.62
CA GLU A 241 -28.39 -41.92 21.04
C GLU A 241 -27.22 -41.30 21.79
N GLY A 242 -26.95 -41.79 23.00
CA GLY A 242 -25.88 -41.25 23.82
C GLY A 242 -24.50 -41.63 23.34
N SER A 243 -23.69 -40.63 23.00
CA SER A 243 -22.31 -40.83 22.58
C SER A 243 -21.59 -39.50 22.67
N LYS A 244 -20.26 -39.56 22.67
CA LYS A 244 -19.43 -38.37 22.53
C LYS A 244 -18.96 -38.26 21.09
N TRP A 245 -18.46 -37.08 20.75
CA TRP A 245 -17.81 -36.83 19.47
C TRP A 245 -16.44 -36.25 19.84
N GLN A 246 -15.48 -37.14 20.10
CA GLN A 246 -14.15 -36.73 20.52
C GLN A 246 -13.24 -36.76 19.29
N ASP A 247 -12.49 -35.68 19.11
CA ASP A 247 -11.85 -35.37 17.84
C ASP A 247 -10.33 -35.44 17.99
N TRP A 248 -9.63 -35.03 16.93
CA TRP A 248 -8.18 -34.84 17.02
C TRP A 248 -7.81 -33.50 17.63
N ARG A 249 -8.80 -32.66 17.96
CA ARG A 249 -8.52 -31.36 18.54
C ARG A 249 -7.93 -31.44 19.93
N ASP A 250 -7.98 -32.61 20.57
CA ASP A 250 -7.42 -32.74 21.91
C ASP A 250 -5.97 -33.22 21.91
N ARG A 251 -5.66 -34.25 21.11
CA ARG A 251 -4.28 -34.71 21.03
C ARG A 251 -3.44 -33.74 20.19
N LYS A 252 -3.81 -33.56 18.93
CA LYS A 252 -3.30 -32.48 18.12
C LYS A 252 -4.24 -31.29 18.25
N GLY A 253 -4.08 -30.29 17.38
CA GLY A 253 -4.99 -29.17 17.37
C GLY A 253 -4.33 -27.84 17.71
N GLU A 254 -3.42 -27.86 18.69
CA GLU A 254 -2.66 -26.65 18.99
C GLU A 254 -1.79 -26.26 17.82
N LEU A 255 -1.16 -27.25 17.17
CA LEU A 255 -0.35 -26.97 16.00
C LEU A 255 -1.18 -26.37 14.87
N PHE A 256 -2.40 -26.87 14.68
CA PHE A 256 -3.23 -26.36 13.60
C PHE A 256 -3.78 -24.97 13.93
N GLN A 257 -4.08 -24.70 15.20
CA GLN A 257 -4.43 -23.34 15.59
C GLN A 257 -3.26 -22.39 15.35
N ALA A 258 -2.05 -22.85 15.64
CA ALA A 258 -0.86 -22.04 15.37
C ALA A 258 -0.70 -21.76 13.89
N VAL A 259 -0.89 -22.78 13.04
CA VAL A 259 -0.74 -22.55 11.60
C VAL A 259 -1.85 -21.65 11.08
N ARG A 260 -3.05 -21.73 11.65
CA ARG A 260 -4.11 -20.81 11.26
C ARG A 260 -3.78 -19.37 11.66
N MET A 261 -3.19 -19.20 12.85
CA MET A 261 -2.77 -17.86 13.26
C MET A 261 -1.66 -17.34 12.36
N GLU A 262 -0.76 -18.22 11.92
CA GLU A 262 0.25 -17.83 10.94
C GLU A 262 -0.39 -17.39 9.63
N LYS A 263 -1.42 -18.14 9.19
CA LYS A 263 -2.16 -17.76 7.99
C LYS A 263 -2.76 -16.37 8.15
N ASN A 264 -3.37 -16.11 9.30
CA ASN A 264 -3.95 -14.80 9.54
C ASN A 264 -2.90 -13.70 9.58
N MET A 265 -1.71 -13.98 10.12
CA MET A 265 -0.67 -12.96 10.16
C MET A 265 -0.17 -12.61 8.76
N MET A 266 0.06 -13.63 7.93
CA MET A 266 0.46 -13.36 6.55
C MET A 266 -0.64 -12.60 5.82
N GLY A 267 -1.90 -13.00 6.04
CA GLY A 267 -3.01 -12.27 5.46
C GLY A 267 -3.04 -10.82 5.90
N LEU A 268 -2.71 -10.56 7.17
CA LEU A 268 -2.69 -9.19 7.67
C LEU A 268 -1.60 -8.37 6.98
N LEU A 269 -0.42 -8.94 6.79
CA LEU A 269 0.64 -8.20 6.10
C LEU A 269 0.25 -7.88 4.66
N LEU A 270 -0.23 -8.89 3.94
CA LEU A 270 -0.61 -8.62 2.55
C LEU A 270 -1.85 -7.74 2.44
N SER A 271 -2.73 -7.78 3.45
CA SER A 271 -3.84 -6.84 3.49
C SER A 271 -3.37 -5.43 3.81
N LEU A 272 -2.26 -5.30 4.54
CA LEU A 272 -1.64 -3.98 4.66
C LEU A 272 -1.17 -3.50 3.30
N ILE A 273 -0.62 -4.41 2.49
CA ILE A 273 -0.24 -4.03 1.12
C ILE A 273 -1.46 -3.50 0.36
N VAL A 274 -2.56 -4.27 0.38
CA VAL A 274 -3.72 -3.87 -0.40
C VAL A 274 -4.37 -2.61 0.19
N ALA A 275 -4.23 -2.40 1.50
CA ALA A 275 -4.78 -1.20 2.11
C ALA A 275 -3.97 0.04 1.74
N VAL A 276 -2.65 -0.11 1.60
CA VAL A 276 -1.85 1.00 1.08
C VAL A 276 -2.25 1.29 -0.35
N ALA A 277 -2.55 0.25 -1.14
CA ALA A 277 -3.07 0.47 -2.48
C ALA A 277 -4.39 1.25 -2.43
N ALA A 278 -5.28 0.88 -1.51
CA ALA A 278 -6.56 1.57 -1.38
C ALA A 278 -6.35 3.03 -1.00
N PHE A 279 -5.42 3.30 -0.09
CA PHE A 279 -5.09 4.68 0.25
C PHE A 279 -4.55 5.42 -0.97
N ASN A 280 -3.80 4.73 -1.82
CA ASN A 280 -3.35 5.34 -3.07
C ASN A 280 -4.53 5.67 -3.97
N ILE A 281 -5.61 4.87 -3.90
CA ILE A 281 -6.76 5.10 -4.78
C ILE A 281 -7.35 6.50 -4.55
N ILE A 282 -7.56 6.87 -3.29
CA ILE A 282 -8.34 8.07 -3.00
C ILE A 282 -7.62 9.33 -3.49
N THR A 283 -6.29 9.36 -3.37
CA THR A 283 -5.56 10.55 -3.83
C THR A 283 -5.66 10.71 -5.33
N SER A 284 -5.57 9.60 -6.08
CA SER A 284 -5.64 9.69 -7.53
C SER A 284 -6.96 10.29 -7.99
N LEU A 285 -8.06 9.89 -7.34
CA LEU A 285 -9.34 10.54 -7.63
C LEU A 285 -9.37 11.97 -7.11
N GLY A 286 -8.76 12.21 -5.95
CA GLY A 286 -8.71 13.57 -5.43
C GLY A 286 -8.03 14.53 -6.39
N LEU A 287 -6.91 14.09 -6.97
CA LEU A 287 -6.33 14.87 -8.07
C LEU A 287 -7.28 14.96 -9.24
N MET A 288 -7.92 13.82 -9.58
CA MET A 288 -8.80 13.76 -10.74
C MET A 288 -10.06 14.59 -10.57
N VAL A 289 -10.38 15.03 -9.35
CA VAL A 289 -11.49 15.96 -9.15
C VAL A 289 -10.99 17.39 -8.99
N MET A 290 -9.90 17.60 -8.25
CA MET A 290 -9.40 18.97 -8.09
C MET A 290 -9.03 19.57 -9.44
N GLU A 291 -8.30 18.81 -10.26
CA GLU A 291 -8.29 19.07 -11.69
C GLU A 291 -9.58 18.52 -12.27
N LYS A 292 -10.13 19.20 -13.27
CA LYS A 292 -11.43 18.96 -13.89
C LYS A 292 -12.55 19.51 -13.01
N GLN A 293 -12.24 20.09 -11.84
CA GLN A 293 -13.17 20.97 -11.17
C GLN A 293 -13.63 22.12 -12.06
N GLY A 294 -12.93 22.38 -13.16
CA GLY A 294 -13.41 23.32 -14.14
C GLY A 294 -14.52 22.73 -15.00
N GLU A 295 -14.33 21.48 -15.45
CA GLU A 295 -15.30 20.89 -16.35
C GLU A 295 -16.57 20.46 -15.63
N VAL A 296 -16.51 20.28 -14.31
CA VAL A 296 -17.73 19.95 -13.57
C VAL A 296 -18.71 21.12 -13.64
N ALA A 297 -18.20 22.35 -13.70
CA ALA A 297 -19.06 23.52 -13.82
C ALA A 297 -19.88 23.46 -15.10
N ILE A 298 -19.25 23.05 -16.20
CA ILE A 298 -19.96 22.90 -17.47
C ILE A 298 -21.13 21.93 -17.32
N LEU A 299 -20.84 20.75 -16.73
CA LEU A 299 -21.87 19.74 -16.58
C LEU A 299 -22.90 20.15 -15.53
N GLN A 300 -22.47 20.82 -14.47
CA GLN A 300 -23.35 21.08 -13.33
C GLN A 300 -24.60 21.85 -13.75
N THR A 301 -24.43 22.88 -14.58
CA THR A 301 -25.58 23.62 -15.06
C THR A 301 -26.33 22.89 -16.17
N GLN A 302 -25.67 21.95 -16.85
CA GLN A 302 -26.31 21.29 -17.99
C GLN A 302 -27.45 20.38 -17.58
N GLY A 303 -27.53 19.98 -16.31
CA GLY A 303 -28.72 19.30 -15.85
C GLY A 303 -28.55 18.12 -14.91
N LEU A 304 -27.47 17.36 -15.03
CA LEU A 304 -27.33 16.15 -14.22
C LEU A 304 -27.16 16.50 -12.75
N THR A 305 -27.79 15.70 -11.89
CA THR A 305 -27.81 15.96 -10.47
C THR A 305 -26.44 15.68 -9.85
N PRO A 306 -26.18 16.19 -8.64
CA PRO A 306 -24.97 15.78 -7.93
C PRO A 306 -24.87 14.28 -7.76
N ARG A 307 -25.99 13.60 -7.52
CA ARG A 307 -25.98 12.15 -7.47
C ARG A 307 -25.59 11.55 -8.82
N GLN A 308 -25.99 12.21 -9.91
CA GLN A 308 -25.60 11.74 -11.24
C GLN A 308 -24.10 11.80 -11.42
N ILE A 309 -23.47 12.87 -10.94
CA ILE A 309 -22.03 13.02 -11.13
C ILE A 309 -21.25 12.38 -9.98
N MET A 310 -21.90 12.16 -8.84
CA MET A 310 -21.27 11.40 -7.76
C MET A 310 -20.91 9.99 -8.21
N MET A 311 -21.60 9.46 -9.21
CA MET A 311 -21.33 8.12 -9.72
C MET A 311 -20.21 8.08 -10.75
N VAL A 312 -20.05 9.12 -11.58
CA VAL A 312 -19.06 9.06 -12.65
C VAL A 312 -17.66 9.02 -12.09
N PHE A 313 -17.42 9.73 -10.98
CA PHE A 313 -16.14 9.60 -10.28
C PHE A 313 -16.11 8.34 -9.43
N MET A 314 -17.27 7.90 -8.94
CA MET A 314 -17.33 6.63 -8.21
C MET A 314 -16.96 5.47 -9.11
N VAL A 315 -17.47 5.46 -10.34
CA VAL A 315 -17.12 4.40 -11.27
C VAL A 315 -15.71 4.61 -11.82
N GLN A 316 -15.21 5.84 -11.75
CA GLN A 316 -13.84 6.11 -12.20
C GLN A 316 -12.84 5.35 -11.35
N GLY A 317 -12.93 5.49 -10.02
CA GLY A 317 -12.07 4.70 -9.15
C GLY A 317 -12.41 3.23 -9.15
N ALA A 318 -13.71 2.91 -9.16
CA ALA A 318 -14.12 1.51 -9.07
C ALA A 318 -13.66 0.70 -10.27
N SER A 319 -13.77 1.27 -11.48
CA SER A 319 -13.37 0.53 -12.67
C SER A 319 -11.88 0.22 -12.64
N ALA A 320 -11.07 1.14 -12.10
CA ALA A 320 -9.66 0.86 -11.90
C ALA A 320 -9.48 -0.28 -10.91
N GLY A 321 -10.28 -0.29 -9.85
CA GLY A 321 -10.22 -1.38 -8.89
C GLY A 321 -10.72 -2.69 -9.47
N ILE A 322 -11.74 -2.62 -10.33
CA ILE A 322 -12.30 -3.84 -10.93
C ILE A 322 -11.26 -4.53 -11.80
N ILE A 323 -10.61 -3.77 -12.69
CA ILE A 323 -9.63 -4.35 -13.59
C ILE A 323 -8.45 -4.89 -12.81
N GLY A 324 -7.98 -4.14 -11.81
CA GLY A 324 -6.85 -4.58 -11.03
C GLY A 324 -7.14 -5.85 -10.24
N ALA A 325 -8.33 -5.93 -9.66
CA ALA A 325 -8.67 -7.10 -8.86
C ALA A 325 -8.74 -8.37 -9.72
N ILE A 326 -9.42 -8.29 -10.86
CA ILE A 326 -9.56 -9.46 -11.73
C ILE A 326 -8.22 -9.83 -12.33
N LEU A 327 -7.49 -8.85 -12.85
CA LEU A 327 -6.19 -9.13 -13.45
C LEU A 327 -5.22 -9.69 -12.42
N GLY A 328 -5.22 -9.14 -11.21
CA GLY A 328 -4.35 -9.66 -10.17
C GLY A 328 -4.71 -11.08 -9.77
N ALA A 329 -6.00 -11.35 -9.58
CA ALA A 329 -6.42 -12.69 -9.19
C ALA A 329 -6.12 -13.71 -10.28
N ALA A 330 -6.46 -13.37 -11.53
CA ALA A 330 -6.25 -14.31 -12.63
C ALA A 330 -4.77 -14.55 -12.88
N LEU A 331 -3.99 -13.47 -13.02
CA LEU A 331 -2.56 -13.64 -13.22
C LEU A 331 -1.89 -14.22 -11.99
N GLY A 332 -2.34 -13.82 -10.80
CA GLY A 332 -1.76 -14.35 -9.58
C GLY A 332 -1.97 -15.84 -9.43
N ALA A 333 -3.17 -16.32 -9.73
CA ALA A 333 -3.41 -17.76 -9.70
C ALA A 333 -2.54 -18.49 -10.71
N LEU A 334 -2.22 -17.83 -11.82
CA LEU A 334 -1.32 -18.43 -12.81
C LEU A 334 0.07 -18.62 -12.22
N LEU A 335 0.56 -17.64 -11.45
CA LEU A 335 1.88 -17.76 -10.84
C LEU A 335 1.93 -18.95 -9.89
N ALA A 336 0.89 -19.09 -9.05
CA ALA A 336 0.86 -20.22 -8.12
C ALA A 336 0.72 -21.54 -8.86
N SER A 337 -0.09 -21.57 -9.93
CA SER A 337 -0.30 -22.81 -10.66
C SER A 337 0.99 -23.30 -11.30
N GLN A 338 1.81 -22.39 -11.82
CA GLN A 338 3.05 -22.79 -12.47
C GLN A 338 4.22 -22.88 -11.50
N LEU A 339 3.99 -22.67 -10.21
CA LEU A 339 5.04 -22.71 -9.21
C LEU A 339 5.23 -24.12 -8.63
N ASN A 340 4.48 -25.10 -9.11
CA ASN A 340 4.73 -26.50 -8.79
C ASN A 340 5.08 -27.33 -10.01
N ASN A 341 4.33 -27.17 -11.11
CA ASN A 341 4.63 -27.81 -12.37
C ASN A 341 5.24 -26.78 -13.31
N LEU A 342 6.30 -27.20 -14.03
CA LEU A 342 7.09 -26.28 -14.86
C LEU A 342 7.66 -25.14 -14.03
N MET A 343 7.86 -25.38 -12.74
CA MET A 343 8.37 -24.37 -11.83
C MET A 343 9.84 -24.06 -12.12
N PRO A 344 10.20 -22.80 -12.39
CA PRO A 344 11.61 -22.46 -12.60
C PRO A 344 12.44 -22.76 -11.36
N ILE A 345 13.35 -23.73 -11.47
CA ILE A 345 13.99 -24.32 -10.30
C ILE A 345 14.81 -23.25 -9.59
N ILE A 346 14.34 -22.82 -8.42
CA ILE A 346 15.02 -21.82 -7.61
C ILE A 346 15.16 -22.37 -6.20
N GLY A 347 15.16 -23.71 -6.07
CA GLY A 347 15.20 -24.34 -4.77
C GLY A 347 16.47 -24.08 -3.97
N VAL A 348 17.53 -23.62 -4.65
CA VAL A 348 18.78 -23.33 -3.94
C VAL A 348 18.60 -22.09 -3.04
N LEU A 349 17.76 -21.16 -3.46
CA LEU A 349 17.58 -19.92 -2.69
C LEU A 349 16.81 -20.18 -1.39
N LEU A 350 15.56 -20.63 -1.51
CA LEU A 350 14.73 -20.90 -0.36
C LEU A 350 14.89 -22.36 0.05
N ASP A 351 14.00 -22.84 0.92
CA ASP A 351 14.03 -24.26 1.30
C ASP A 351 13.84 -25.16 0.09
N GLY A 352 13.08 -24.72 -0.91
CA GLY A 352 12.96 -25.44 -2.16
C GLY A 352 12.24 -26.77 -2.02
N ALA A 353 12.69 -27.74 -2.82
CA ALA A 353 12.15 -29.11 -2.82
C ALA A 353 10.65 -29.12 -3.17
N ALA A 354 10.34 -28.63 -4.38
CA ALA A 354 9.00 -28.75 -4.96
C ALA A 354 7.93 -28.12 -4.06
N LEU A 355 8.00 -26.79 -3.98
CA LEU A 355 7.09 -25.97 -3.17
C LEU A 355 5.64 -26.37 -3.40
N PRO A 356 4.99 -26.97 -2.42
CA PRO A 356 3.59 -27.36 -2.61
C PRO A 356 2.68 -26.14 -2.73
N VAL A 357 1.63 -26.29 -3.53
CA VAL A 357 0.67 -25.21 -3.76
C VAL A 357 -0.72 -25.82 -3.80
N ALA A 358 -1.69 -25.08 -3.25
CA ALA A 358 -3.09 -25.52 -3.24
C ALA A 358 -3.95 -24.27 -3.49
N ILE A 359 -4.28 -24.03 -4.75
CA ILE A 359 -5.12 -22.90 -5.13
C ILE A 359 -6.57 -23.25 -4.80
N GLU A 360 -7.09 -22.66 -3.73
CA GLU A 360 -8.48 -22.92 -3.34
C GLU A 360 -9.36 -21.86 -3.98
N PRO A 361 -10.25 -22.24 -4.91
CA PRO A 361 -11.03 -21.22 -5.64
C PRO A 361 -11.87 -20.34 -4.74
N LEU A 362 -12.43 -20.88 -3.65
CA LEU A 362 -13.22 -20.06 -2.74
C LEU A 362 -12.37 -18.96 -2.11
N GLN A 363 -11.13 -19.29 -1.74
CA GLN A 363 -10.24 -18.29 -1.15
C GLN A 363 -9.95 -17.17 -2.13
N VAL A 364 -9.67 -17.52 -3.39
CA VAL A 364 -9.33 -16.51 -4.38
C VAL A 364 -10.51 -15.58 -4.64
N ILE A 365 -11.72 -16.15 -4.75
CA ILE A 365 -12.89 -15.35 -5.08
C ILE A 365 -13.18 -14.33 -3.98
N VAL A 366 -13.09 -14.75 -2.71
CA VAL A 366 -13.36 -13.83 -1.61
C VAL A 366 -12.38 -12.67 -1.63
N ILE A 367 -11.09 -12.97 -1.84
CA ILE A 367 -10.08 -11.92 -1.88
C ILE A 367 -10.38 -10.92 -3.00
N ALA A 368 -10.75 -11.43 -4.17
CA ALA A 368 -11.12 -10.53 -5.26
C ALA A 368 -12.34 -9.69 -4.90
N LEU A 369 -13.33 -10.29 -4.25
CA LEU A 369 -14.51 -9.55 -3.84
C LEU A 369 -14.17 -8.49 -2.80
N VAL A 370 -13.31 -8.83 -1.83
CA VAL A 370 -12.92 -7.85 -0.82
C VAL A 370 -12.14 -6.71 -1.47
N ALA A 371 -11.23 -7.02 -2.39
CA ALA A 371 -10.51 -5.97 -3.10
C ALA A 371 -11.46 -5.06 -3.85
N MET A 372 -12.54 -5.63 -4.41
CA MET A 372 -13.56 -4.82 -5.04
C MET A 372 -14.23 -3.89 -4.02
N ALA A 373 -14.60 -4.43 -2.87
CA ALA A 373 -15.27 -3.61 -1.85
C ALA A 373 -14.35 -2.54 -1.30
N ILE A 374 -13.09 -2.89 -1.01
CA ILE A 374 -12.16 -1.93 -0.45
C ILE A 374 -11.89 -0.80 -1.45
N ALA A 375 -11.70 -1.15 -2.72
CA ALA A 375 -11.48 -0.13 -3.74
C ALA A 375 -12.69 0.78 -3.89
N LEU A 376 -13.89 0.21 -3.88
CA LEU A 376 -15.09 1.00 -4.10
C LEU A 376 -15.40 1.90 -2.91
N LEU A 377 -15.30 1.36 -1.69
CA LEU A 377 -15.59 2.16 -0.51
C LEU A 377 -14.59 3.31 -0.35
N SER A 378 -13.40 3.17 -0.91
CA SER A 378 -12.41 4.25 -0.83
C SER A 378 -12.84 5.45 -1.67
N THR A 379 -13.47 5.20 -2.81
CA THR A 379 -13.79 6.26 -3.76
C THR A 379 -14.90 7.19 -3.28
N LEU A 380 -15.57 6.87 -2.18
CA LEU A 380 -16.71 7.67 -1.74
C LEU A 380 -16.30 9.10 -1.43
N TYR A 381 -15.19 9.27 -0.71
CA TYR A 381 -14.80 10.62 -0.29
C TYR A 381 -14.51 11.54 -1.47
N PRO A 382 -13.70 11.17 -2.46
CA PRO A 382 -13.54 12.07 -3.62
C PRO A 382 -14.84 12.33 -4.36
N SER A 383 -15.71 11.33 -4.46
CA SER A 383 -16.97 11.52 -5.16
C SER A 383 -17.90 12.44 -4.38
N TRP A 384 -17.97 12.26 -3.06
CA TRP A 384 -18.84 13.10 -2.24
C TRP A 384 -18.38 14.56 -2.30
N ARG A 385 -17.07 14.80 -2.24
CA ARG A 385 -16.56 16.16 -2.37
C ARG A 385 -16.65 16.68 -3.80
N ALA A 386 -16.78 15.78 -4.78
CA ALA A 386 -16.83 16.21 -6.17
C ALA A 386 -18.04 17.07 -6.48
N ALA A 387 -19.09 17.01 -5.65
CA ALA A 387 -20.29 17.82 -5.83
C ALA A 387 -20.60 18.51 -4.51
N ALA A 388 -19.98 19.68 -4.30
CA ALA A 388 -20.23 20.47 -3.09
C ALA A 388 -20.87 21.82 -3.41
N THR A 389 -20.26 22.61 -4.29
CA THR A 389 -20.75 23.93 -4.61
C THR A 389 -20.21 24.32 -5.99
N GLN A 390 -20.29 25.60 -6.33
CA GLN A 390 -19.78 26.14 -7.59
C GLN A 390 -18.66 27.13 -7.27
N PRO A 391 -17.46 26.65 -6.95
CA PRO A 391 -16.35 27.56 -6.67
C PRO A 391 -15.46 27.81 -7.88
N ALA A 392 -15.09 29.08 -8.05
CA ALA A 392 -14.10 29.52 -9.04
C ALA A 392 -14.37 28.90 -10.40
N GLU A 393 -15.52 29.26 -10.97
CA GLU A 393 -15.88 28.79 -12.31
C GLU A 393 -14.94 29.37 -13.36
N SER B 1 17.97 26.32 -4.39
CA SER B 1 17.17 25.23 -4.91
C SER B 1 16.17 24.73 -3.87
N LEU B 2 16.64 24.61 -2.63
CA LEU B 2 15.77 24.12 -1.55
C LEU B 2 14.65 25.11 -1.27
N LEU B 3 14.88 26.40 -1.48
CA LEU B 3 13.86 27.40 -1.19
C LEU B 3 12.60 27.17 -2.02
N ILE B 4 12.78 27.03 -3.34
CA ILE B 4 11.63 26.89 -4.24
C ILE B 4 10.84 25.64 -3.88
N GLY B 5 11.53 24.51 -3.75
CA GLY B 5 10.84 23.27 -3.46
C GLY B 5 10.15 23.28 -2.11
N LEU B 6 10.85 23.76 -1.08
CA LEU B 6 10.27 23.74 0.27
C LEU B 6 9.09 24.68 0.37
N ARG B 7 9.19 25.87 -0.22
CA ARG B 7 8.06 26.81 -0.15
C ARG B 7 6.92 26.36 -1.06
N PHE B 8 7.22 25.53 -2.07
CA PHE B 8 6.16 24.96 -2.88
C PHE B 8 5.27 24.03 -2.03
N SER B 9 5.89 23.24 -1.16
CA SER B 9 5.13 22.32 -0.33
C SER B 9 4.30 23.06 0.71
N ARG B 10 4.97 23.79 1.60
CA ARG B 10 4.27 24.54 2.63
C ARG B 10 3.36 25.62 2.05
N GLY B 11 3.65 26.08 0.84
CA GLY B 11 2.84 27.13 0.24
C GLY B 11 1.43 26.69 -0.06
N ARG B 12 1.28 25.46 -0.58
CA ARG B 12 -0.04 24.96 -0.98
C ARG B 12 -0.81 24.51 0.26
N ARG B 13 -1.25 25.50 1.03
CA ARG B 13 -2.11 25.25 2.18
C ARG B 13 -3.57 25.57 1.91
N ARG B 14 -3.84 26.48 0.99
CA ARG B 14 -5.20 26.82 0.59
C ARG B 14 -5.48 26.22 -0.78
N GLY B 15 -6.54 25.41 -0.87
CA GLY B 15 -6.87 24.74 -2.11
C GLY B 15 -5.94 23.58 -2.41
N GLY B 16 -6.42 22.60 -3.18
CA GLY B 16 -5.65 21.44 -3.52
C GLY B 16 -5.87 20.23 -2.65
N MET B 17 -6.90 20.23 -1.79
CA MET B 17 -7.22 19.11 -0.92
C MET B 17 -6.03 18.75 -0.01
N VAL B 18 -5.67 19.70 0.85
CA VAL B 18 -4.49 19.54 1.71
C VAL B 18 -4.64 18.31 2.60
N SER B 19 -5.86 18.05 3.07
CA SER B 19 -6.09 16.94 3.98
C SER B 19 -6.36 15.62 3.27
N LEU B 20 -6.24 15.58 1.94
CA LEU B 20 -6.46 14.35 1.19
C LEU B 20 -5.37 14.05 0.17
N ILE B 21 -4.30 14.85 0.11
CA ILE B 21 -3.32 14.69 -0.96
C ILE B 21 -1.92 14.45 -0.37
N SER B 22 -1.67 14.96 0.82
CA SER B 22 -0.35 14.81 1.45
C SER B 22 -0.38 13.94 2.69
N VAL B 23 -1.38 14.13 3.57
CA VAL B 23 -1.45 13.32 4.78
C VAL B 23 -1.68 11.86 4.41
N ILE B 24 -2.32 11.58 3.28
CA ILE B 24 -2.54 10.20 2.87
C ILE B 24 -1.21 9.53 2.51
N SER B 25 -0.36 10.21 1.75
CA SER B 25 0.96 9.68 1.46
C SER B 25 1.77 9.52 2.75
N THR B 26 1.65 10.49 3.66
CA THR B 26 2.34 10.38 4.94
C THR B 26 1.91 9.13 5.69
N ILE B 27 0.59 8.87 5.72
CA ILE B 27 0.07 7.68 6.39
C ILE B 27 0.57 6.41 5.71
N GLY B 28 0.61 6.40 4.37
CA GLY B 28 1.10 5.23 3.67
C GLY B 28 2.53 4.90 4.03
N ILE B 29 3.43 5.89 3.91
CA ILE B 29 4.82 5.67 4.30
C ILE B 29 4.90 5.28 5.76
N ALA B 30 4.08 5.89 6.61
CA ALA B 30 4.16 5.64 8.04
C ALA B 30 3.84 4.20 8.37
N LEU B 31 2.70 3.71 7.90
CA LEU B 31 2.37 2.30 8.14
C LEU B 31 3.41 1.37 7.54
N GLY B 32 3.83 1.64 6.30
CA GLY B 32 4.84 0.79 5.70
C GLY B 32 6.09 0.63 6.54
N VAL B 33 6.79 1.74 6.77
CA VAL B 33 8.07 1.66 7.46
C VAL B 33 7.87 1.24 8.92
N ALA B 34 6.75 1.64 9.54
CA ALA B 34 6.52 1.29 10.93
C ALA B 34 6.34 -0.21 11.10
N VAL B 35 5.51 -0.83 10.26
CA VAL B 35 5.31 -2.27 10.41
C VAL B 35 6.56 -3.03 10.01
N LEU B 36 7.33 -2.52 9.04
CA LEU B 36 8.58 -3.20 8.71
C LEU B 36 9.56 -3.13 9.88
N ILE B 37 9.62 -1.98 10.55
CA ILE B 37 10.49 -1.83 11.71
C ILE B 37 10.05 -2.75 12.84
N VAL B 38 8.74 -2.83 13.09
CA VAL B 38 8.25 -3.73 14.14
C VAL B 38 8.60 -5.17 13.80
N GLY B 39 8.45 -5.56 12.53
CA GLY B 39 8.77 -6.92 12.15
C GLY B 39 10.25 -7.24 12.32
N LEU B 40 11.12 -6.33 11.89
CA LEU B 40 12.55 -6.56 12.06
C LEU B 40 12.94 -6.60 13.52
N SER B 41 12.33 -5.74 14.35
CA SER B 41 12.60 -5.77 15.78
C SER B 41 12.14 -7.09 16.40
N ALA B 42 10.99 -7.59 15.97
CA ALA B 42 10.51 -8.89 16.47
C ALA B 42 11.44 -10.01 16.05
N MET B 43 11.95 -9.96 14.82
CA MET B 43 12.89 -10.99 14.37
C MET B 43 14.19 -10.93 15.15
N ASN B 44 14.71 -9.73 15.41
CA ASN B 44 15.92 -9.59 16.20
C ASN B 44 15.70 -10.08 17.62
N GLY B 45 14.52 -9.81 18.19
CA GLY B 45 14.17 -10.35 19.49
C GLY B 45 14.12 -11.86 19.48
N PHE B 46 13.58 -12.44 18.41
CA PHE B 46 13.60 -13.90 18.28
C PHE B 46 15.02 -14.44 18.24
N GLU B 47 15.91 -13.77 17.49
CA GLU B 47 17.30 -14.21 17.47
C GLU B 47 17.93 -14.15 18.86
N ARG B 48 17.68 -13.05 19.57
CA ARG B 48 18.25 -12.89 20.91
C ARG B 48 17.72 -13.95 21.86
N GLU B 49 16.42 -14.22 21.82
CA GLU B 49 15.82 -15.19 22.72
C GLU B 49 16.25 -16.61 22.36
N LEU B 50 16.43 -16.89 21.07
CA LEU B 50 16.94 -18.19 20.66
C LEU B 50 18.38 -18.38 21.12
N ASN B 51 19.18 -17.32 21.05
CA ASN B 51 20.56 -17.42 21.52
C ASN B 51 20.65 -17.58 23.03
N ASN B 52 19.79 -16.91 23.79
CA ASN B 52 19.88 -16.91 25.23
C ASN B 52 18.91 -17.88 25.91
N ARG B 53 18.17 -18.67 25.15
CA ARG B 53 17.21 -19.62 25.72
C ARG B 53 17.28 -21.01 25.14
N ILE B 54 17.95 -21.21 24.00
CA ILE B 54 18.10 -22.54 23.41
C ILE B 54 19.58 -22.86 23.25
N LEU B 55 20.32 -21.92 22.66
CA LEU B 55 21.75 -22.12 22.43
C LEU B 55 22.53 -22.26 23.72
N ALA B 56 22.06 -21.65 24.81
CA ALA B 56 22.78 -21.66 26.08
C ALA B 56 22.48 -22.88 26.94
N VAL B 57 21.48 -23.68 26.57
CA VAL B 57 21.12 -24.86 27.36
C VAL B 57 21.19 -26.15 26.58
N VAL B 58 21.04 -26.14 25.27
CA VAL B 58 21.15 -27.36 24.48
C VAL B 58 22.63 -27.66 24.25
N PRO B 59 23.06 -28.92 24.37
CA PRO B 59 24.44 -29.26 24.01
C PRO B 59 24.73 -28.88 22.56
N HIS B 60 25.90 -28.30 22.34
CA HIS B 60 26.25 -27.82 21.01
C HIS B 60 26.51 -28.97 20.04
N GLY B 61 26.63 -30.20 20.53
CA GLY B 61 26.85 -31.34 19.67
C GLY B 61 26.88 -32.60 20.50
N GLU B 62 26.93 -33.74 19.80
CA GLU B 62 26.89 -35.03 20.46
C GLU B 62 27.92 -35.96 19.85
N ILE B 63 28.40 -36.90 20.68
CA ILE B 63 29.26 -38.00 20.25
C ILE B 63 28.64 -39.29 20.75
N GLU B 64 28.54 -40.29 19.88
CA GLU B 64 27.90 -41.54 20.22
C GLU B 64 28.67 -42.70 19.61
N ALA B 65 28.58 -43.86 20.27
CA ALA B 65 29.20 -45.09 19.79
C ALA B 65 28.19 -46.22 19.85
N VAL B 66 28.06 -46.95 18.74
CA VAL B 66 27.14 -48.09 18.69
C VAL B 66 27.60 -49.24 19.58
N ASP B 67 28.82 -49.18 20.09
CA ASP B 67 29.35 -50.21 20.98
C ASP B 67 28.83 -50.00 22.39
N GLN B 68 29.45 -50.67 23.36
CA GLN B 68 29.09 -50.63 24.77
C GLN B 68 28.97 -49.20 25.28
N PRO B 69 28.20 -48.97 26.35
CA PRO B 69 27.95 -47.58 26.80
C PRO B 69 29.21 -46.78 27.11
N TRP B 70 30.24 -47.40 27.67
CA TRP B 70 31.42 -46.64 28.07
C TRP B 70 32.20 -46.18 26.85
N THR B 71 32.47 -44.87 26.79
CA THR B 71 33.24 -44.28 25.70
C THR B 71 34.49 -43.56 26.21
N ASN B 72 34.35 -42.73 27.23
CA ASN B 72 35.46 -41.92 27.74
C ASN B 72 35.61 -42.14 29.24
N TRP B 73 36.86 -42.00 29.70
CA TRP B 73 37.35 -42.16 31.06
C TRP B 73 37.37 -43.63 31.48
N GLN B 74 36.84 -44.54 30.68
CA GLN B 74 36.98 -45.98 30.89
C GLN B 74 37.65 -46.66 29.72
N GLU B 75 37.21 -46.37 28.50
CA GLU B 75 37.84 -46.88 27.29
C GLU B 75 38.74 -45.88 26.59
N ALA B 76 38.43 -44.58 26.70
CA ALA B 76 39.24 -43.55 26.07
C ALA B 76 39.27 -42.34 26.99
N LEU B 77 39.91 -41.27 26.52
CA LEU B 77 40.11 -40.05 27.30
C LEU B 77 39.49 -38.87 26.56
N ASP B 78 38.62 -38.14 27.25
CA ASP B 78 38.04 -36.94 26.64
C ASP B 78 39.07 -35.82 26.51
N HIS B 79 40.16 -35.87 27.29
CA HIS B 79 41.20 -34.87 27.18
C HIS B 79 41.87 -34.93 25.82
N VAL B 80 42.01 -36.13 25.24
CA VAL B 80 42.52 -36.25 23.88
C VAL B 80 41.56 -35.60 22.89
N GLN B 81 40.26 -35.67 23.18
CA GLN B 81 39.25 -35.11 22.28
C GLN B 81 39.35 -33.60 22.16
N LYS B 82 39.80 -32.90 23.20
CA LYS B 82 39.82 -31.44 23.19
C LYS B 82 40.79 -30.92 22.14
N VAL B 83 40.24 -30.33 21.07
CA VAL B 83 41.03 -29.79 19.97
C VAL B 83 40.55 -28.36 19.71
N PRO B 84 41.37 -27.53 19.04
CA PRO B 84 40.98 -26.14 18.80
C PRO B 84 39.60 -25.99 18.17
N GLY B 85 38.69 -25.32 18.90
CA GLY B 85 37.33 -25.14 18.45
C GLY B 85 36.32 -25.44 19.54
N ILE B 86 36.67 -26.34 20.46
CA ILE B 86 35.78 -26.75 21.53
C ILE B 86 36.16 -26.02 22.80
N ALA B 87 35.18 -25.34 23.41
CA ALA B 87 35.44 -24.60 24.65
C ALA B 87 35.64 -25.54 25.82
N ALA B 88 34.79 -26.54 25.95
CA ALA B 88 34.84 -27.49 27.07
C ALA B 88 34.01 -28.71 26.70
N ALA B 89 34.03 -29.71 27.57
CA ALA B 89 33.25 -30.92 27.36
C ALA B 89 33.01 -31.59 28.70
N ALA B 90 31.99 -32.45 28.73
CA ALA B 90 31.63 -33.20 29.93
C ALA B 90 30.74 -34.37 29.57
N PRO B 91 31.02 -35.57 30.09
CA PRO B 91 30.24 -36.75 29.68
C PRO B 91 28.81 -36.66 30.17
N TYR B 92 27.88 -37.09 29.33
CA TYR B 92 26.45 -37.06 29.63
C TYR B 92 25.85 -38.45 29.45
N ILE B 93 24.89 -38.78 30.30
CA ILE B 93 24.22 -40.08 30.28
C ILE B 93 22.85 -39.88 29.65
N ASN B 94 22.65 -40.47 28.47
CA ASN B 94 21.34 -40.47 27.84
C ASN B 94 20.51 -41.62 28.43
N PHE B 95 19.56 -41.29 29.31
CA PHE B 95 18.84 -42.27 30.11
C PHE B 95 17.34 -42.01 29.97
N THR B 96 16.71 -42.61 28.98
CA THR B 96 15.27 -42.46 28.81
C THR B 96 14.54 -43.45 29.72
N GLY B 97 13.71 -42.91 30.62
CA GLY B 97 13.00 -43.76 31.56
C GLY B 97 11.49 -43.60 31.55
N LEU B 98 11.02 -42.41 31.18
CA LEU B 98 9.59 -42.08 31.10
C LEU B 98 8.93 -42.10 32.48
N VAL B 99 7.86 -41.31 32.66
CA VAL B 99 7.21 -41.17 33.95
C VAL B 99 5.70 -41.35 33.78
N GLU B 100 5.11 -42.16 34.65
CA GLU B 100 3.66 -42.30 34.76
C GLU B 100 3.27 -42.22 36.23
N SER B 101 2.20 -41.49 36.51
CA SER B 101 1.68 -41.32 37.87
C SER B 101 0.18 -41.52 37.89
N GLY B 102 -0.28 -42.58 37.23
CA GLY B 102 -1.70 -42.87 37.16
C GLY B 102 -2.44 -41.93 36.22
N ALA B 103 -3.29 -41.07 36.79
CA ALA B 103 -4.05 -40.13 35.96
C ALA B 103 -3.18 -39.06 35.33
N ASN B 104 -1.95 -38.88 35.81
CA ASN B 104 -1.04 -37.87 35.31
C ASN B 104 0.22 -38.52 34.79
N LEU B 105 0.68 -38.08 33.62
CA LEU B 105 1.85 -38.67 33.00
C LEU B 105 2.30 -37.78 31.84
N ARG B 106 3.60 -37.87 31.52
CA ARG B 106 4.18 -37.23 30.35
C ARG B 106 5.47 -37.97 30.01
N ALA B 107 6.08 -37.59 28.89
CA ALA B 107 7.30 -38.23 28.39
C ALA B 107 8.48 -37.32 28.64
N ILE B 108 9.53 -37.88 29.26
CA ILE B 108 10.75 -37.13 29.57
C ILE B 108 11.95 -37.94 29.14
N GLN B 109 13.05 -37.25 28.86
CA GLN B 109 14.33 -37.89 28.53
C GLN B 109 15.32 -37.55 29.64
N VAL B 110 15.37 -38.41 30.65
CA VAL B 110 16.21 -38.18 31.81
C VAL B 110 17.68 -38.14 31.39
N LYS B 111 18.45 -37.24 32.00
CA LYS B 111 19.82 -36.99 31.62
C LYS B 111 20.68 -36.86 32.88
N GLY B 112 21.85 -37.49 32.85
CA GLY B 112 22.71 -37.53 34.02
C GLY B 112 23.99 -36.74 33.85
N VAL B 113 24.17 -35.71 34.67
CA VAL B 113 25.26 -34.76 34.49
C VAL B 113 25.84 -34.41 35.86
N ASN B 114 27.16 -34.19 35.91
CA ASN B 114 27.80 -33.67 37.11
C ASN B 114 27.53 -32.17 37.25
N PRO B 115 27.08 -31.71 38.41
CA PRO B 115 26.68 -30.29 38.54
C PRO B 115 27.80 -29.31 38.23
N GLN B 116 29.03 -29.58 38.67
CA GLN B 116 30.13 -28.67 38.38
C GLN B 116 30.41 -28.62 36.89
N GLN B 117 30.39 -29.78 36.23
CA GLN B 117 30.71 -29.82 34.81
C GLN B 117 29.67 -29.06 33.98
N GLU B 118 28.39 -29.21 34.31
CA GLU B 118 27.36 -28.47 33.59
C GLU B 118 27.41 -26.97 33.92
N GLN B 119 27.71 -26.63 35.18
CA GLN B 119 27.83 -25.22 35.53
C GLN B 119 28.95 -24.56 34.75
N ARG B 120 30.09 -25.23 34.62
CA ARG B 120 31.19 -24.69 33.84
C ARG B 120 30.97 -24.79 32.34
N LEU B 121 30.14 -25.74 31.89
CA LEU B 121 30.05 -26.04 30.47
C LEU B 121 29.09 -25.09 29.75
N SER B 122 27.82 -25.09 30.14
CA SER B 122 26.81 -24.28 29.48
C SER B 122 25.94 -23.58 30.51
N ALA B 123 25.44 -22.41 30.14
CA ALA B 123 24.60 -21.61 31.04
C ALA B 123 23.22 -22.23 31.10
N LEU B 124 23.03 -23.16 32.04
CA LEU B 124 21.71 -23.77 32.29
C LEU B 124 21.43 -23.66 33.78
N PRO B 125 21.01 -22.49 34.25
CA PRO B 125 20.67 -22.34 35.66
C PRO B 125 19.33 -22.97 35.98
N SER B 126 19.06 -23.12 37.27
CA SER B 126 17.79 -23.69 37.71
C SER B 126 16.59 -22.83 37.28
N PHE B 127 16.83 -21.56 36.97
CA PHE B 127 15.83 -20.66 36.40
C PHE B 127 14.60 -20.49 37.30
N VAL B 128 14.74 -20.76 38.60
CA VAL B 128 13.63 -20.64 39.53
C VAL B 128 14.07 -19.77 40.70
N GLN B 129 13.08 -19.18 41.38
CA GLN B 129 13.36 -18.38 42.57
C GLN B 129 13.98 -19.20 43.69
N GLY B 130 13.80 -20.52 43.66
CA GLY B 130 14.38 -21.35 44.71
C GLY B 130 15.89 -21.34 44.71
N ASP B 131 16.51 -21.36 43.51
CA ASP B 131 17.96 -21.37 43.35
C ASP B 131 18.58 -22.54 44.11
N ALA B 132 18.02 -23.73 43.89
CA ALA B 132 18.45 -24.94 44.57
C ALA B 132 19.57 -25.67 43.85
N TRP B 133 20.17 -25.06 42.82
CA TRP B 133 21.24 -25.72 42.09
C TRP B 133 22.44 -26.02 42.98
N ARG B 134 22.78 -25.09 43.88
CA ARG B 134 23.91 -25.32 44.79
C ARG B 134 23.65 -26.50 45.70
N ASN B 135 22.39 -26.76 46.03
CA ASN B 135 22.04 -27.96 46.79
C ASN B 135 21.90 -29.20 45.90
N PHE B 136 21.85 -29.02 44.59
CA PHE B 136 21.68 -30.12 43.64
C PHE B 136 23.02 -30.80 43.45
N LYS B 137 23.29 -31.81 44.28
CA LYS B 137 24.55 -32.53 44.27
C LYS B 137 24.28 -34.03 44.17
N ALA B 138 25.36 -34.82 44.22
CA ALA B 138 25.25 -36.26 44.26
C ALA B 138 25.04 -36.74 45.69
N GLY B 139 24.04 -36.17 46.36
CA GLY B 139 23.77 -36.46 47.76
C GLY B 139 22.51 -37.27 47.94
N GLU B 140 21.40 -36.59 48.25
CA GLU B 140 20.08 -37.21 48.39
C GLU B 140 19.51 -37.70 47.06
N GLN B 141 20.30 -37.69 45.98
CA GLN B 141 19.87 -38.17 44.67
C GLN B 141 18.56 -37.50 44.23
N GLN B 142 18.58 -36.17 44.26
CA GLN B 142 17.45 -35.38 43.82
C GLN B 142 17.36 -35.38 42.30
N ILE B 143 16.14 -35.13 41.80
CA ILE B 143 15.85 -35.15 40.37
C ILE B 143 15.25 -33.81 39.97
N ILE B 144 15.74 -33.26 38.86
CA ILE B 144 15.19 -32.03 38.30
C ILE B 144 14.02 -32.39 37.40
N ILE B 145 12.99 -31.55 37.41
CA ILE B 145 11.78 -31.78 36.62
C ILE B 145 11.44 -30.50 35.87
N GLY B 146 11.09 -30.64 34.60
CA GLY B 146 10.65 -29.49 33.83
C GLY B 146 9.30 -28.97 34.29
N LYS B 147 9.05 -27.68 33.99
CA LYS B 147 7.83 -27.04 34.44
C LYS B 147 6.60 -27.73 33.87
N GLY B 148 6.58 -27.95 32.56
CA GLY B 148 5.44 -28.61 31.94
C GLY B 148 5.22 -30.00 32.48
N VAL B 149 6.31 -30.72 32.75
CA VAL B 149 6.19 -32.06 33.32
C VAL B 149 5.70 -31.97 34.77
N ALA B 150 6.27 -31.05 35.54
CA ALA B 150 5.80 -30.86 36.91
C ALA B 150 4.34 -30.42 36.93
N ASP B 151 3.94 -29.57 35.97
CA ASP B 151 2.54 -29.20 35.84
C ASP B 151 1.68 -30.42 35.54
N ALA B 152 2.16 -31.29 34.65
CA ALA B 152 1.39 -32.50 34.31
C ALA B 152 1.23 -33.40 35.53
N LEU B 153 2.31 -33.64 36.26
CA LEU B 153 2.24 -34.45 37.46
C LEU B 153 1.70 -33.70 38.67
N LYS B 154 1.50 -32.39 38.55
CA LYS B 154 1.01 -31.56 39.65
C LYS B 154 1.89 -31.69 40.89
N VAL B 155 3.20 -31.78 40.67
CA VAL B 155 4.15 -31.89 41.75
C VAL B 155 4.77 -30.53 41.99
N LYS B 156 5.49 -30.40 43.11
CA LYS B 156 6.03 -29.12 43.55
C LYS B 156 7.44 -29.35 44.07
N GLN B 157 7.97 -28.36 44.81
CA GLN B 157 9.36 -28.34 45.21
C GLN B 157 9.77 -29.61 45.96
N GLY B 158 8.99 -29.98 46.97
CA GLY B 158 9.35 -31.14 47.76
C GLY B 158 8.26 -32.19 47.87
N ASP B 159 8.51 -33.36 47.28
CA ASP B 159 7.62 -34.50 47.31
C ASP B 159 8.31 -35.64 46.57
N TRP B 160 7.74 -36.85 46.68
CA TRP B 160 8.25 -37.98 45.93
C TRP B 160 7.78 -37.89 44.48
N VAL B 161 8.43 -38.68 43.62
CA VAL B 161 8.17 -38.66 42.19
C VAL B 161 7.88 -40.08 41.71
N SER B 162 6.84 -40.23 40.90
CA SER B 162 6.48 -41.51 40.31
C SER B 162 7.27 -41.77 39.03
N ILE B 163 8.60 -41.71 39.13
CA ILE B 163 9.46 -41.93 37.97
C ILE B 163 9.58 -43.42 37.69
N MET B 164 9.44 -43.78 36.42
CA MET B 164 9.57 -45.17 35.98
C MET B 164 10.96 -45.37 35.39
N ILE B 165 11.63 -46.44 35.80
CA ILE B 165 13.01 -46.70 35.39
C ILE B 165 13.12 -48.09 34.78
N PRO B 166 13.77 -48.23 33.62
CA PRO B 166 13.92 -49.56 33.02
C PRO B 166 15.14 -50.30 33.54
N ASN B 167 15.38 -51.51 33.03
CA ASN B 167 16.52 -52.31 33.42
C ASN B 167 17.14 -52.91 32.16
N SER B 168 18.44 -53.20 32.23
CA SER B 168 19.17 -53.76 31.11
C SER B 168 19.82 -55.07 31.52
N ASN B 169 19.90 -55.99 30.58
CA ASN B 169 20.45 -57.33 30.83
C ASN B 169 20.82 -57.99 29.50
N PRO B 170 22.03 -58.53 29.37
CA PRO B 170 22.44 -59.12 28.09
C PRO B 170 21.70 -60.41 27.76
N GLU B 171 20.41 -60.30 27.45
CA GLU B 171 19.59 -61.42 26.98
C GLU B 171 19.60 -62.58 27.97
N HIS B 172 19.55 -62.25 29.26
CA HIS B 172 19.47 -63.27 30.31
C HIS B 172 18.19 -63.15 31.14
N LYS B 173 17.91 -61.96 31.67
CA LYS B 173 16.72 -61.71 32.49
C LYS B 173 16.09 -60.40 32.02
N LEU B 174 15.01 -60.50 31.26
CA LEU B 174 14.37 -59.34 30.64
C LEU B 174 12.97 -59.13 31.20
N MET B 175 12.49 -57.89 31.06
CA MET B 175 11.15 -57.47 31.49
C MET B 175 10.95 -57.73 32.99
N GLN B 176 11.75 -57.01 33.77
CA GLN B 176 11.62 -56.97 35.23
C GLN B 176 11.49 -55.50 35.64
N PRO B 177 10.29 -54.95 35.59
CA PRO B 177 10.11 -53.53 35.93
C PRO B 177 10.51 -53.24 37.36
N LYS B 178 11.10 -52.06 37.55
CA LYS B 178 11.52 -51.60 38.87
C LYS B 178 11.24 -50.10 38.97
N ARG B 179 11.12 -49.62 40.20
CA ARG B 179 10.86 -48.22 40.46
C ARG B 179 11.67 -47.76 41.66
N VAL B 180 12.26 -46.57 41.55
CA VAL B 180 12.94 -45.91 42.66
C VAL B 180 12.45 -44.47 42.73
N ARG B 181 12.05 -44.04 43.93
CA ARG B 181 11.59 -42.67 44.16
C ARG B 181 12.44 -42.08 45.28
N LEU B 182 13.18 -41.00 44.97
CA LEU B 182 14.09 -40.41 45.93
C LEU B 182 13.67 -39.00 46.35
N HIS B 183 13.56 -38.07 45.40
CA HIS B 183 13.19 -36.69 45.71
C HIS B 183 13.07 -35.91 44.41
N VAL B 184 12.58 -34.68 44.52
CA VAL B 184 12.47 -33.74 43.42
C VAL B 184 13.14 -32.45 43.84
N ALA B 185 13.95 -31.87 42.95
CA ALA B 185 14.70 -30.65 43.24
C ALA B 185 14.24 -29.54 42.30
N GLY B 186 13.20 -28.83 42.70
CA GLY B 186 12.79 -27.63 41.97
C GLY B 186 12.30 -27.92 40.55
N ILE B 187 12.22 -26.83 39.80
CA ILE B 187 11.80 -26.87 38.40
C ILE B 187 12.94 -26.38 37.53
N LEU B 188 12.76 -26.54 36.21
CA LEU B 188 13.76 -26.13 35.21
C LEU B 188 12.97 -25.45 34.08
N GLN B 189 12.88 -24.12 34.15
CA GLN B 189 12.02 -23.34 33.27
C GLN B 189 12.81 -22.75 32.11
N LEU B 190 12.31 -22.95 30.90
CA LEU B 190 12.82 -22.27 29.71
C LEU B 190 11.74 -21.53 28.93
N SER B 191 10.46 -21.64 29.33
CA SER B 191 9.35 -21.04 28.60
C SER B 191 9.30 -21.52 27.15
N GLY B 192 9.63 -22.80 26.94
CA GLY B 192 9.62 -23.38 25.61
C GLY B 192 9.22 -24.83 25.66
N GLN B 193 9.17 -25.44 24.47
CA GLN B 193 8.79 -26.84 24.38
C GLN B 193 9.81 -27.77 25.03
N LEU B 194 11.02 -27.28 25.28
CA LEU B 194 12.03 -28.10 25.94
C LEU B 194 11.68 -28.37 27.39
N ASP B 195 10.77 -27.59 27.99
CA ASP B 195 10.41 -27.76 29.38
C ASP B 195 9.60 -29.02 29.64
N HIS B 196 9.13 -29.70 28.60
CA HIS B 196 8.30 -30.88 28.75
C HIS B 196 9.06 -32.18 28.55
N SER B 197 10.38 -32.14 28.41
CA SER B 197 11.15 -33.35 28.16
C SER B 197 12.34 -33.51 29.09
N PHE B 198 12.89 -32.40 29.57
CA PHE B 198 14.14 -32.43 30.31
C PHE B 198 13.92 -32.83 31.77
N ALA B 199 14.81 -33.68 32.27
CA ALA B 199 14.81 -34.09 33.68
C ALA B 199 16.22 -34.55 34.00
N MET B 200 16.83 -33.96 35.03
CA MET B 200 18.25 -34.15 35.27
C MET B 200 18.51 -34.83 36.61
N ILE B 201 19.52 -35.70 36.60
CA ILE B 201 19.98 -36.41 37.80
C ILE B 201 21.49 -36.33 37.87
N PRO B 202 22.05 -36.24 39.09
CA PRO B 202 23.51 -36.27 39.22
C PRO B 202 24.12 -37.50 38.56
N LEU B 203 25.21 -37.30 37.81
CA LEU B 203 25.80 -38.39 37.04
C LEU B 203 26.28 -39.51 37.94
N ALA B 204 26.94 -39.17 39.05
CA ALA B 204 27.41 -40.19 39.97
C ALA B 204 26.25 -40.99 40.54
N ASP B 205 25.17 -40.32 40.92
CA ASP B 205 24.00 -41.03 41.40
C ASP B 205 23.27 -41.76 40.27
N ALA B 206 23.29 -41.20 39.06
CA ALA B 206 22.65 -41.87 37.93
C ALA B 206 23.32 -43.20 37.63
N GLN B 207 24.65 -43.25 37.73
CA GLN B 207 25.37 -44.51 37.56
C GLN B 207 24.93 -45.55 38.58
N GLN B 208 24.42 -45.13 39.73
CA GLN B 208 23.99 -46.08 40.75
C GLN B 208 22.69 -46.79 40.38
N TYR B 209 21.88 -46.20 39.48
CA TYR B 209 20.63 -46.83 39.07
C TYR B 209 20.85 -47.75 37.88
N LEU B 210 21.36 -47.21 36.78
CA LEU B 210 21.76 -48.04 35.64
C LEU B 210 22.97 -48.86 36.08
N ASP B 211 22.77 -50.15 36.31
CA ASP B 211 23.73 -50.95 37.06
C ASP B 211 24.99 -51.23 36.27
N MET B 212 25.94 -50.30 36.29
CA MET B 212 27.27 -50.48 35.74
C MET B 212 28.25 -49.77 36.66
N GLY B 213 29.48 -49.56 36.18
CA GLY B 213 30.47 -48.89 37.00
C GLY B 213 31.47 -48.09 36.20
N SER B 214 31.62 -46.80 36.56
CA SER B 214 32.56 -45.89 35.91
C SER B 214 32.36 -45.82 34.40
N SER B 215 31.17 -46.16 33.92
CA SER B 215 30.87 -46.18 32.49
C SER B 215 29.81 -45.14 32.17
N VAL B 216 30.12 -44.25 31.23
CA VAL B 216 29.22 -43.18 30.84
C VAL B 216 29.12 -43.17 29.33
N SER B 217 27.95 -42.78 28.83
CA SER B 217 27.73 -42.67 27.39
C SER B 217 28.48 -41.45 26.86
N GLY B 218 28.26 -41.13 25.60
CA GLY B 218 28.96 -40.02 24.98
C GLY B 218 28.35 -38.68 25.34
N ILE B 219 28.09 -37.85 24.34
CA ILE B 219 27.45 -36.54 24.52
C ILE B 219 28.33 -35.67 25.41
N ALA B 220 29.46 -35.20 24.88
CA ALA B 220 30.38 -34.34 25.63
C ALA B 220 30.98 -33.31 24.67
N LEU B 221 30.34 -32.15 24.56
CA LEU B 221 30.85 -31.05 23.76
C LEU B 221 30.33 -29.73 24.31
N LYS B 222 31.13 -28.68 24.10
CA LYS B 222 30.71 -27.30 24.33
C LYS B 222 31.61 -26.44 23.46
N MET B 223 31.01 -25.70 22.54
CA MET B 223 31.73 -25.16 21.40
C MET B 223 31.67 -23.64 21.45
N THR B 224 32.83 -22.99 21.31
CA THR B 224 32.86 -21.53 21.32
C THR B 224 32.17 -20.96 20.07
N ASP B 225 32.31 -21.64 18.94
CA ASP B 225 31.57 -21.27 17.74
C ASP B 225 30.17 -21.85 17.78
N VAL B 226 29.23 -21.16 17.14
CA VAL B 226 27.83 -21.56 17.21
C VAL B 226 27.26 -21.80 15.82
N PHE B 227 28.09 -21.65 14.79
CA PHE B 227 27.63 -21.89 13.42
C PHE B 227 28.50 -22.92 12.70
N ASN B 228 29.78 -23.01 13.07
CA ASN B 228 30.68 -23.99 12.50
C ASN B 228 30.52 -25.36 13.12
N ALA B 229 29.40 -25.59 13.81
CA ALA B 229 29.22 -26.84 14.56
C ALA B 229 29.24 -28.05 13.65
N ASN B 230 28.56 -27.98 12.50
CA ASN B 230 28.44 -29.16 11.64
C ASN B 230 29.79 -29.63 11.13
N LYS B 231 30.75 -28.72 10.97
CA LYS B 231 32.03 -29.08 10.39
C LYS B 231 32.98 -29.72 11.39
N LEU B 232 33.34 -28.99 12.46
CA LEU B 232 34.43 -29.46 13.31
C LEU B 232 33.92 -30.42 14.39
N VAL B 233 32.62 -30.73 14.38
CA VAL B 233 32.12 -31.83 15.20
C VAL B 233 32.70 -33.13 14.70
N ARG B 234 33.16 -33.16 13.45
CA ARG B 234 33.82 -34.33 12.88
C ARG B 234 35.23 -34.40 13.47
N ASP B 235 35.28 -34.74 14.77
CA ASP B 235 36.54 -34.87 15.48
C ASP B 235 36.68 -36.28 16.06
N ALA B 236 36.09 -37.26 15.38
CA ALA B 236 36.21 -38.64 15.81
C ALA B 236 37.63 -39.15 15.54
N GLY B 237 37.91 -40.34 16.04
CA GLY B 237 39.24 -40.91 16.00
C GLY B 237 40.02 -40.62 17.26
N GLU B 238 39.80 -39.44 17.85
CA GLU B 238 40.36 -39.13 19.15
C GLU B 238 39.80 -40.05 20.23
N VAL B 239 38.62 -40.63 20.01
CA VAL B 239 38.05 -41.63 20.89
C VAL B 239 37.80 -42.96 20.17
N THR B 240 38.07 -43.02 18.87
CA THR B 240 37.87 -44.22 18.04
C THR B 240 36.40 -44.61 18.12
N ASN B 241 36.05 -45.84 18.49
CA ASN B 241 34.67 -46.33 18.54
C ASN B 241 34.06 -46.17 17.15
N SER B 242 32.91 -45.52 17.01
CA SER B 242 32.23 -45.41 15.72
C SER B 242 32.26 -43.96 15.25
N TYR B 243 32.55 -43.78 13.96
CA TYR B 243 32.66 -42.45 13.35
C TYR B 243 31.77 -42.28 12.13
N VAL B 244 30.78 -43.15 11.94
CA VAL B 244 29.92 -43.07 10.75
C VAL B 244 29.08 -41.80 10.79
N TYR B 245 28.42 -41.55 11.91
CA TYR B 245 27.52 -40.41 12.01
C TYR B 245 27.22 -40.09 13.48
N ILE B 246 27.39 -38.83 13.86
CA ILE B 246 27.12 -38.37 15.23
C ILE B 246 26.23 -37.14 15.15
N LYS B 247 25.26 -37.07 16.06
CA LYS B 247 24.31 -35.97 16.07
C LYS B 247 25.00 -34.66 16.43
N SER B 248 24.54 -33.57 15.82
CA SER B 248 25.03 -32.24 16.10
C SER B 248 23.85 -31.32 16.39
N TRP B 249 24.15 -30.05 16.69
CA TRP B 249 23.09 -29.09 16.97
C TRP B 249 22.34 -28.70 15.70
N ILE B 250 22.98 -28.85 14.54
CA ILE B 250 22.27 -28.77 13.27
C ILE B 250 21.17 -29.83 13.20
N GLY B 251 20.08 -29.48 12.53
CA GLY B 251 19.00 -30.42 12.32
C GLY B 251 17.95 -30.40 13.42
N THR B 252 18.37 -30.64 14.66
CA THR B 252 17.41 -30.65 15.76
C THR B 252 16.80 -29.27 15.99
N TYR B 253 17.61 -28.22 15.93
CA TYR B 253 17.12 -26.85 16.13
C TYR B 253 17.67 -25.90 15.09
N GLY B 254 18.34 -26.41 14.03
CA GLY B 254 18.88 -25.55 13.01
C GLY B 254 17.84 -24.97 12.06
N TYR B 255 16.64 -25.55 12.03
CA TYR B 255 15.58 -25.01 11.19
C TYR B 255 15.06 -23.69 11.72
N MET B 256 15.22 -23.42 13.02
CA MET B 256 14.74 -22.16 13.59
C MET B 256 15.47 -20.98 12.97
N TYR B 257 16.79 -21.08 12.82
CA TYR B 257 17.56 -19.99 12.22
C TYR B 257 17.15 -19.78 10.77
N ARG B 258 16.93 -20.87 10.03
CA ARG B 258 16.48 -20.74 8.64
C ARG B 258 15.12 -20.07 8.57
N ASP B 259 14.22 -20.41 9.48
CA ASP B 259 12.90 -19.79 9.48
C ASP B 259 12.98 -18.30 9.81
N ILE B 260 13.82 -17.94 10.78
CA ILE B 260 13.92 -16.53 11.17
C ILE B 260 14.42 -15.69 10.00
N GLN B 261 15.45 -16.18 9.29
CA GLN B 261 15.97 -15.44 8.15
C GLN B 261 14.94 -15.34 7.02
N MET B 262 14.22 -16.44 6.77
CA MET B 262 13.25 -16.43 5.67
C MET B 262 12.09 -15.47 5.95
N ILE B 263 11.60 -15.45 7.19
CA ILE B 263 10.56 -14.49 7.55
C ILE B 263 11.05 -13.07 7.33
N ARG B 264 12.31 -12.81 7.69
CA ARG B 264 12.89 -11.49 7.50
C ARG B 264 12.84 -11.08 6.04
N ALA B 265 13.27 -11.97 5.14
CA ALA B 265 13.27 -11.66 3.72
C ALA B 265 11.86 -11.44 3.18
N ILE B 266 10.92 -12.31 3.58
CA ILE B 266 9.55 -12.17 3.09
C ILE B 266 8.95 -10.85 3.54
N MET B 267 9.10 -10.52 4.82
CA MET B 267 8.56 -9.29 5.35
C MET B 267 9.22 -8.08 4.72
N TYR B 268 10.54 -8.13 4.52
CA TYR B 268 11.25 -7.03 3.89
C TYR B 268 10.72 -6.79 2.47
N LEU B 269 10.58 -7.87 1.69
CA LEU B 269 10.10 -7.71 0.32
C LEU B 269 8.68 -7.17 0.30
N ALA B 270 7.80 -7.69 1.15
CA ALA B 270 6.42 -7.23 1.16
C ALA B 270 6.31 -5.76 1.54
N MET B 271 7.10 -5.32 2.53
CA MET B 271 7.02 -3.92 2.92
C MET B 271 7.73 -3.01 1.93
N VAL B 272 8.73 -3.52 1.20
CA VAL B 272 9.27 -2.75 0.08
C VAL B 272 8.20 -2.56 -0.98
N LEU B 273 7.38 -3.58 -1.21
CA LEU B 273 6.24 -3.42 -2.12
C LEU B 273 5.27 -2.36 -1.61
N VAL B 274 5.03 -2.35 -0.29
CA VAL B 274 4.19 -1.32 0.31
C VAL B 274 4.75 0.07 0.02
N ILE B 275 6.05 0.24 0.24
CA ILE B 275 6.70 1.53 0.02
C ILE B 275 6.63 1.90 -1.45
N GLY B 276 6.72 0.91 -2.33
CA GLY B 276 6.57 1.18 -3.76
C GLY B 276 5.18 1.69 -4.12
N VAL B 277 4.16 1.11 -3.49
CA VAL B 277 2.79 1.61 -3.74
C VAL B 277 2.64 3.03 -3.23
N ALA B 278 3.17 3.31 -2.04
CA ALA B 278 3.12 4.68 -1.54
C ALA B 278 3.92 5.63 -2.43
N CYS B 279 4.99 5.13 -3.05
CA CYS B 279 5.74 5.93 -4.00
C CYS B 279 4.94 6.18 -5.27
N PHE B 280 4.11 5.22 -5.67
CA PHE B 280 3.14 5.50 -6.74
C PHE B 280 2.23 6.65 -6.35
N ASN B 281 1.77 6.65 -5.10
CA ASN B 281 0.94 7.75 -4.62
C ASN B 281 1.68 9.08 -4.72
N ILE B 282 2.94 9.10 -4.28
CA ILE B 282 3.66 10.37 -4.26
C ILE B 282 4.02 10.82 -5.67
N VAL B 283 4.28 9.90 -6.60
CA VAL B 283 4.56 10.34 -7.97
C VAL B 283 3.29 10.88 -8.61
N SER B 284 2.13 10.32 -8.23
CA SER B 284 0.86 10.89 -8.69
C SER B 284 0.71 12.33 -8.19
N THR B 285 0.97 12.56 -6.90
CA THR B 285 0.82 13.93 -6.41
C THR B 285 1.88 14.85 -7.02
N LEU B 286 3.06 14.32 -7.35
CA LEU B 286 4.08 15.13 -8.00
C LEU B 286 3.65 15.57 -9.39
N VAL B 287 3.12 14.64 -10.19
CA VAL B 287 2.71 15.01 -11.54
C VAL B 287 1.54 15.99 -11.48
N MET B 288 0.64 15.80 -10.52
CA MET B 288 -0.44 16.78 -10.36
C MET B 288 0.11 18.15 -9.98
N ALA B 289 1.08 18.20 -9.07
CA ALA B 289 1.65 19.48 -8.66
C ALA B 289 2.35 20.17 -9.80
N VAL B 290 3.11 19.42 -10.61
CA VAL B 290 3.82 20.05 -11.73
C VAL B 290 2.83 20.53 -12.78
N LYS B 291 1.69 19.82 -12.94
CA LYS B 291 0.66 20.34 -13.83
C LYS B 291 0.02 21.61 -13.27
N ASP B 292 -0.13 21.70 -11.95
CA ASP B 292 -0.73 22.91 -11.38
C ASP B 292 0.19 24.12 -11.49
N LYS B 293 1.47 23.95 -11.15
CA LYS B 293 2.42 25.05 -11.07
C LYS B 293 3.18 25.25 -12.38
N SER B 294 2.56 24.91 -13.52
CA SER B 294 3.23 25.05 -14.80
C SER B 294 3.59 26.51 -15.09
N GLY B 295 2.72 27.44 -14.69
CA GLY B 295 3.01 28.85 -14.91
C GLY B 295 4.26 29.30 -14.18
N ASP B 296 4.42 28.86 -12.94
CA ASP B 296 5.62 29.23 -12.18
C ASP B 296 6.87 28.62 -12.79
N ILE B 297 6.80 27.36 -13.22
CA ILE B 297 7.94 26.75 -13.88
C ILE B 297 8.30 27.51 -15.14
N ALA B 298 7.29 28.07 -15.82
CA ALA B 298 7.55 28.89 -16.99
C ALA B 298 8.33 30.16 -16.64
N VAL B 299 7.90 30.87 -15.59
CA VAL B 299 8.54 32.14 -15.27
C VAL B 299 9.95 31.91 -14.74
N LEU B 300 10.17 30.83 -13.99
CA LEU B 300 11.52 30.51 -13.56
C LEU B 300 12.43 30.23 -14.76
N ARG B 301 11.88 29.61 -15.81
CA ARG B 301 12.65 29.47 -17.05
C ARG B 301 12.99 30.82 -17.65
N THR B 302 12.02 31.75 -17.62
CA THR B 302 12.24 33.08 -18.17
C THR B 302 13.34 33.84 -17.42
N LEU B 303 13.64 33.42 -16.20
CA LEU B 303 14.54 34.16 -15.31
C LEU B 303 15.83 33.40 -15.05
N GLY B 304 16.44 32.88 -16.11
CA GLY B 304 17.70 32.20 -15.90
C GLY B 304 17.63 30.69 -15.88
N ALA B 305 17.52 30.13 -14.67
CA ALA B 305 17.84 28.74 -14.34
C ALA B 305 17.56 27.74 -15.45
N LYS B 306 18.55 26.90 -15.73
CA LYS B 306 18.53 25.99 -16.86
C LYS B 306 17.64 24.78 -16.54
N ASP B 307 17.73 23.75 -17.38
CA ASP B 307 16.88 22.57 -17.19
C ASP B 307 17.13 21.90 -15.85
N GLY B 308 18.34 22.00 -15.32
CA GLY B 308 18.71 21.22 -14.15
C GLY B 308 17.91 21.60 -12.92
N LEU B 309 17.74 22.90 -12.67
CA LEU B 309 17.20 23.35 -11.39
C LEU B 309 15.77 22.86 -11.19
N ILE B 310 14.93 22.96 -12.21
CA ILE B 310 13.53 22.54 -12.07
C ILE B 310 13.46 21.05 -11.76
N ARG B 311 14.24 20.24 -12.47
CA ARG B 311 14.37 18.83 -12.12
C ARG B 311 14.76 18.69 -10.65
N ALA B 312 15.78 19.45 -10.24
CA ALA B 312 16.20 19.41 -8.84
C ALA B 312 15.10 19.90 -7.92
N ILE B 313 14.36 20.93 -8.33
CA ILE B 313 13.29 21.47 -7.50
C ILE B 313 12.26 20.38 -7.19
N PHE B 314 11.78 19.69 -8.23
CA PHE B 314 10.74 18.71 -8.00
C PHE B 314 11.26 17.42 -7.37
N VAL B 315 12.51 17.04 -7.66
CA VAL B 315 13.10 15.91 -6.94
C VAL B 315 13.18 16.22 -5.45
N TRP B 316 13.61 17.44 -5.10
CA TRP B 316 13.66 17.82 -3.70
C TRP B 316 12.26 17.89 -3.09
N TYR B 317 11.26 18.33 -3.86
CA TYR B 317 9.89 18.35 -3.38
C TYR B 317 9.42 16.95 -3.02
N GLY B 318 9.57 16.00 -3.95
CA GLY B 318 9.15 14.64 -3.67
C GLY B 318 9.96 14.00 -2.55
N LEU B 319 11.27 14.27 -2.51
CA LEU B 319 12.11 13.70 -1.47
C LEU B 319 11.74 14.27 -0.10
N LEU B 320 11.37 15.55 -0.04
CA LEU B 320 10.93 16.14 1.21
C LEU B 320 9.62 15.51 1.69
N ALA B 321 8.67 15.31 0.78
CA ALA B 321 7.43 14.64 1.15
C ALA B 321 7.71 13.23 1.69
N GLY B 322 8.52 12.46 0.94
CA GLY B 322 8.85 11.12 1.37
C GLY B 322 9.62 11.10 2.68
N LEU B 323 10.49 12.09 2.89
CA LEU B 323 11.27 12.17 4.12
C LEU B 323 10.37 12.47 5.31
N PHE B 324 9.40 13.37 5.15
CA PHE B 324 8.47 13.63 6.24
C PHE B 324 7.66 12.38 6.57
N GLY B 325 7.16 11.70 5.54
CA GLY B 325 6.42 10.47 5.78
C GLY B 325 7.25 9.42 6.48
N SER B 326 8.49 9.23 6.00
CA SER B 326 9.37 8.23 6.58
C SER B 326 9.76 8.58 8.00
N LEU B 327 9.95 9.88 8.29
CA LEU B 327 10.30 10.28 9.65
C LEU B 327 9.16 10.02 10.61
N CYS B 328 7.94 10.38 10.21
CA CYS B 328 6.79 10.08 11.06
C CYS B 328 6.66 8.58 11.28
N GLY B 329 6.79 7.81 10.21
CA GLY B 329 6.68 6.36 10.34
C GLY B 329 7.75 5.77 11.23
N VAL B 330 8.98 6.24 11.09
CA VAL B 330 10.09 5.65 11.85
C VAL B 330 9.98 6.02 13.32
N ILE B 331 9.52 7.24 13.63
CA ILE B 331 9.37 7.59 15.04
C ILE B 331 8.24 6.78 15.66
N ILE B 332 7.14 6.56 14.92
CA ILE B 332 6.08 5.69 15.42
C ILE B 332 6.62 4.27 15.63
N GLY B 333 7.40 3.78 14.67
CA GLY B 333 7.94 2.44 14.79
C GLY B 333 8.88 2.27 15.96
N VAL B 334 9.72 3.28 16.21
CA VAL B 334 10.65 3.21 17.33
C VAL B 334 9.89 3.25 18.65
N VAL B 335 8.92 4.16 18.78
CA VAL B 335 8.22 4.27 20.06
C VAL B 335 7.38 3.03 20.32
N VAL B 336 6.85 2.40 19.27
CA VAL B 336 6.03 1.21 19.47
C VAL B 336 6.92 -0.03 19.65
N SER B 337 8.13 0.00 19.11
CA SER B 337 8.99 -1.18 19.12
C SER B 337 9.52 -1.47 20.52
N LEU B 338 9.99 -0.44 21.23
CA LEU B 338 10.55 -0.64 22.55
C LEU B 338 9.50 -1.01 23.58
N GLN B 339 8.21 -0.93 23.24
CA GLN B 339 7.12 -1.35 24.10
C GLN B 339 6.30 -2.46 23.45
N LEU B 340 6.94 -3.25 22.58
CA LEU B 340 6.20 -4.26 21.82
C LEU B 340 5.64 -5.35 22.74
N THR B 341 6.45 -5.86 23.65
CA THR B 341 5.95 -6.89 24.57
C THR B 341 4.80 -6.38 25.44
N PRO B 342 4.87 -5.19 26.06
CA PRO B 342 3.70 -4.71 26.80
C PRO B 342 2.44 -4.59 25.97
N ILE B 343 2.54 -4.11 24.72
CA ILE B 343 1.33 -3.92 23.93
C ILE B 343 0.77 -5.25 23.45
N ILE B 344 1.64 -6.21 23.14
CA ILE B 344 1.17 -7.54 22.79
C ILE B 344 0.47 -8.18 23.98
N GLU B 345 1.03 -8.03 25.18
CA GLU B 345 0.35 -8.53 26.37
C GLU B 345 -0.99 -7.83 26.58
N TRP B 346 -1.03 -6.51 26.33
CA TRP B 346 -2.26 -5.75 26.49
C TRP B 346 -3.35 -6.25 25.55
N ILE B 347 -3.02 -6.42 24.26
CA ILE B 347 -4.02 -6.86 23.31
C ILE B 347 -4.41 -8.31 23.56
N GLU B 348 -3.47 -9.14 24.04
CA GLU B 348 -3.81 -10.50 24.41
C GLU B 348 -4.81 -10.53 25.55
N LYS B 349 -4.61 -9.66 26.55
CA LYS B 349 -5.56 -9.57 27.66
C LYS B 349 -6.92 -9.08 27.15
N LEU B 350 -6.92 -8.08 26.27
CA LEU B 350 -8.17 -7.56 25.73
C LEU B 350 -8.88 -8.61 24.88
N ILE B 351 -8.15 -9.24 23.95
CA ILE B 351 -8.73 -10.28 23.12
C ILE B 351 -9.09 -11.51 23.96
N GLY B 352 -8.29 -11.81 24.98
CA GLY B 352 -8.48 -13.04 25.74
C GLY B 352 -8.15 -14.28 24.96
N HIS B 353 -7.10 -14.23 24.13
CA HIS B 353 -6.67 -15.39 23.36
C HIS B 353 -5.15 -15.29 23.22
N GLN B 354 -4.43 -16.28 23.73
CA GLN B 354 -2.98 -16.25 23.70
C GLN B 354 -2.48 -16.31 22.25
N PHE B 355 -1.62 -15.36 21.89
CA PHE B 355 -1.16 -15.28 20.51
C PHE B 355 -0.19 -16.41 20.17
N LEU B 356 0.75 -16.69 21.06
CA LEU B 356 1.77 -17.71 20.84
C LEU B 356 1.54 -18.87 21.80
N SER B 357 1.32 -20.06 21.26
CA SER B 357 1.06 -21.24 22.06
C SER B 357 2.36 -21.81 22.60
N SER B 358 2.44 -21.96 23.92
CA SER B 358 3.64 -22.52 24.53
C SER B 358 3.85 -23.98 24.14
N ASP B 359 2.79 -24.65 23.70
CA ASP B 359 2.89 -26.06 23.35
C ASP B 359 3.80 -26.27 22.15
N ILE B 360 3.65 -25.42 21.12
CA ILE B 360 4.39 -25.58 19.87
C ILE B 360 5.48 -24.54 19.72
N TYR B 361 5.26 -23.33 20.26
CA TYR B 361 6.28 -22.29 20.16
C TYR B 361 7.18 -22.30 21.39
N PHE B 362 8.39 -21.78 21.22
CA PHE B 362 9.43 -21.86 22.23
C PHE B 362 9.60 -20.58 23.04
N ILE B 363 8.68 -19.64 22.92
CA ILE B 363 8.85 -18.30 23.46
C ILE B 363 7.82 -17.98 24.55
N ASP B 364 6.53 -18.21 24.27
CA ASP B 364 5.40 -17.96 25.14
C ASP B 364 5.17 -16.46 25.29
N PHE B 365 6.07 -15.63 24.78
CA PHE B 365 5.92 -14.18 24.80
C PHE B 365 6.67 -13.62 23.60
N LEU B 366 6.25 -12.45 23.14
CA LEU B 366 6.84 -11.84 21.96
C LEU B 366 7.97 -10.90 22.38
N PRO B 367 9.23 -11.19 22.03
CA PRO B 367 10.33 -10.29 22.37
C PRO B 367 10.52 -9.20 21.32
N SER B 368 11.41 -8.25 21.59
CA SER B 368 11.74 -7.21 20.63
C SER B 368 12.99 -6.47 21.09
N GLU B 369 13.91 -6.26 20.15
CA GLU B 369 15.05 -5.38 20.36
C GLU B 369 15.28 -4.56 19.11
N LEU B 370 15.89 -3.40 19.27
CA LEU B 370 16.15 -2.48 18.17
C LEU B 370 17.64 -2.39 17.91
N HIS B 371 18.03 -2.38 16.64
CA HIS B 371 19.43 -2.43 16.25
C HIS B 371 19.99 -1.09 15.80
N TRP B 372 19.13 -0.14 15.43
CA TRP B 372 19.50 1.21 14.99
C TRP B 372 20.33 1.21 13.70
N LEU B 373 20.58 0.04 13.11
CA LEU B 373 21.06 -0.05 11.75
C LEU B 373 19.95 -0.43 10.78
N ASP B 374 19.01 -1.25 11.23
CA ASP B 374 17.81 -1.50 10.45
C ASP B 374 17.04 -0.21 10.18
N VAL B 375 17.01 0.69 11.16
CA VAL B 375 16.35 1.98 10.97
C VAL B 375 17.02 2.77 9.85
N PHE B 376 18.35 2.80 9.87
CA PHE B 376 19.08 3.50 8.81
C PHE B 376 18.79 2.87 7.46
N TYR B 377 18.76 1.53 7.40
CA TYR B 377 18.41 0.85 6.15
C TYR B 377 17.00 1.22 5.70
N VAL B 378 16.08 1.35 6.65
CA VAL B 378 14.69 1.69 6.32
C VAL B 378 14.62 3.06 5.68
N LEU B 379 15.25 4.05 6.31
CA LEU B 379 15.25 5.38 5.72
C LEU B 379 15.96 5.41 4.38
N VAL B 380 17.05 4.65 4.24
CA VAL B 380 17.77 4.62 2.97
C VAL B 380 16.87 4.09 1.87
N THR B 381 16.21 2.94 2.11
CA THR B 381 15.40 2.35 1.05
C THR B 381 14.16 3.19 0.77
N ALA B 382 13.57 3.80 1.81
CA ALA B 382 12.40 4.64 1.59
C ALA B 382 12.75 5.87 0.76
N LEU B 383 13.86 6.53 1.09
CA LEU B 383 14.26 7.71 0.33
C LEU B 383 14.69 7.33 -1.08
N LEU B 384 15.34 6.17 -1.25
CA LEU B 384 15.72 5.74 -2.59
C LEU B 384 14.49 5.50 -3.45
N LEU B 385 13.49 4.81 -2.91
CA LEU B 385 12.26 4.59 -3.67
C LEU B 385 11.54 5.89 -3.95
N SER B 386 11.54 6.83 -2.99
CA SER B 386 10.91 8.12 -3.21
C SER B 386 11.59 8.88 -4.34
N LEU B 387 12.92 8.87 -4.37
CA LEU B 387 13.65 9.52 -5.46
C LEU B 387 13.37 8.84 -6.79
N LEU B 388 13.31 7.51 -6.79
CA LEU B 388 13.01 6.79 -8.02
C LEU B 388 11.63 7.17 -8.55
N ALA B 389 10.65 7.30 -7.65
CA ALA B 389 9.33 7.77 -8.06
C ALA B 389 9.39 9.20 -8.56
N SER B 390 10.15 10.05 -7.88
CA SER B 390 10.22 11.47 -8.22
C SER B 390 10.93 11.71 -9.55
N TRP B 391 11.68 10.73 -10.04
CA TRP B 391 12.45 10.93 -11.27
C TRP B 391 11.55 11.28 -12.46
N TYR B 392 10.42 10.60 -12.60
CA TYR B 392 9.58 10.82 -13.77
C TYR B 392 9.00 12.23 -13.86
N PRO B 393 8.37 12.79 -12.82
CA PRO B 393 7.90 14.17 -12.92
C PRO B 393 9.01 15.16 -13.18
N ALA B 394 10.23 14.87 -12.70
CA ALA B 394 11.36 15.74 -13.00
C ALA B 394 11.57 15.85 -14.51
N ARG B 395 11.57 14.71 -15.20
CA ARG B 395 11.67 14.76 -16.66
C ARG B 395 10.46 15.46 -17.26
N ARG B 396 9.25 15.15 -16.77
CA ARG B 396 8.08 15.90 -17.21
C ARG B 396 7.88 17.16 -16.37
N ALA B 397 8.98 17.89 -16.19
CA ALA B 397 8.94 19.24 -15.64
C ALA B 397 9.66 20.25 -16.52
N SER B 398 10.24 19.81 -17.63
CA SER B 398 10.93 20.69 -18.58
C SER B 398 9.99 21.19 -19.67
N ASN B 399 8.70 21.33 -19.36
CA ASN B 399 7.73 21.74 -20.37
C ASN B 399 8.01 23.15 -20.86
N ILE B 400 7.84 23.35 -22.16
CA ILE B 400 7.97 24.68 -22.74
C ILE B 400 6.90 25.59 -22.17
N ASP B 401 7.25 26.87 -21.97
CA ASP B 401 6.32 27.83 -21.40
C ASP B 401 5.08 27.98 -22.28
N PRO B 402 3.88 27.79 -21.74
CA PRO B 402 2.67 27.94 -22.56
C PRO B 402 2.48 29.34 -23.11
N ALA B 403 2.88 30.36 -22.36
CA ALA B 403 2.72 31.75 -22.80
C ALA B 403 3.68 32.66 -22.05
N ILE C 1 24.40 50.23 -34.99
CA ILE C 1 25.32 49.51 -35.86
C ILE C 1 25.18 48.00 -35.65
N LEU C 2 23.93 47.55 -35.52
CA LEU C 2 23.66 46.12 -35.35
C LEU C 2 22.30 45.84 -35.99
N LEU C 3 22.25 44.80 -36.82
CA LEU C 3 21.11 44.56 -37.70
C LEU C 3 19.80 44.30 -36.96
N GLN C 4 19.74 43.21 -36.21
CA GLN C 4 18.53 42.71 -35.55
C GLN C 4 17.43 42.34 -36.53
N CYS C 5 17.70 42.33 -37.83
CA CYS C 5 16.70 42.05 -38.86
C CYS C 5 17.16 40.88 -39.71
N ASP C 6 16.29 39.88 -39.87
CA ASP C 6 16.61 38.73 -40.70
C ASP C 6 15.40 38.28 -41.51
N ASN C 7 14.39 39.15 -41.68
CA ASN C 7 13.17 38.84 -42.40
C ASN C 7 12.45 37.63 -41.82
N LEU C 8 12.55 37.42 -40.51
CA LEU C 8 11.96 36.25 -39.87
C LEU C 8 10.44 36.35 -39.85
N CYS C 9 9.79 35.18 -39.91
CA CYS C 9 8.34 35.07 -39.82
C CYS C 9 8.00 33.85 -38.98
N LYS C 10 6.79 33.86 -38.42
CA LYS C 10 6.32 32.77 -37.59
C LYS C 10 4.93 32.33 -38.05
N ARG C 11 4.73 31.02 -38.09
CA ARG C 11 3.44 30.43 -38.42
C ARG C 11 3.15 29.30 -37.44
N TYR C 12 1.93 28.79 -37.51
CA TYR C 12 1.56 27.66 -36.68
C TYR C 12 2.29 26.40 -37.15
N GLN C 13 2.34 25.39 -36.27
CA GLN C 13 3.06 24.16 -36.59
C GLN C 13 2.48 23.48 -37.82
N GLU C 14 1.15 23.41 -37.92
CA GLU C 14 0.52 22.82 -39.09
C GLU C 14 0.50 23.81 -40.25
N GLY C 15 -0.14 24.96 -40.05
CA GLY C 15 -0.21 25.98 -41.09
C GLY C 15 -1.33 25.80 -42.08
N SER C 16 -2.10 24.72 -41.99
CA SER C 16 -3.20 24.48 -42.93
C SER C 16 -4.55 24.94 -42.39
N VAL C 17 -4.70 25.02 -41.08
CA VAL C 17 -5.97 25.42 -40.47
C VAL C 17 -5.74 26.66 -39.62
N GLN C 18 -4.87 26.54 -38.60
CA GLN C 18 -4.60 27.66 -37.71
C GLN C 18 -3.84 28.76 -38.44
N THR C 19 -4.14 30.00 -38.08
CA THR C 19 -3.55 31.16 -38.75
C THR C 19 -2.15 31.43 -38.18
N ASP C 20 -1.57 32.57 -38.56
CA ASP C 20 -0.21 32.91 -38.16
C ASP C 20 -0.14 34.33 -37.61
N VAL C 21 1.08 34.84 -37.43
CA VAL C 21 1.30 36.20 -36.99
C VAL C 21 1.94 36.98 -38.13
N LEU C 22 2.15 38.28 -37.90
CA LEU C 22 2.65 39.17 -38.94
C LEU C 22 3.98 38.66 -39.49
N HIS C 23 4.20 38.92 -40.77
CA HIS C 23 5.29 38.34 -41.54
C HIS C 23 6.32 39.39 -41.94
N ASN C 24 7.53 38.92 -42.23
CA ASN C 24 8.67 39.77 -42.60
C ASN C 24 9.00 40.77 -41.49
N VAL C 25 9.42 40.23 -40.35
CA VAL C 25 9.73 41.04 -39.18
C VAL C 25 11.10 41.69 -39.33
N SER C 26 11.20 42.96 -38.93
CA SER C 26 12.38 43.80 -39.21
C SER C 26 12.78 44.64 -38.01
N PHE C 27 13.06 44.02 -36.87
CA PHE C 27 13.62 44.78 -35.75
C PHE C 27 14.95 45.41 -36.12
N SER C 28 15.19 46.60 -35.57
CA SER C 28 16.44 47.33 -35.70
C SER C 28 16.88 47.87 -34.35
N VAL C 29 16.89 46.98 -33.34
CA VAL C 29 17.20 47.39 -31.98
C VAL C 29 18.61 47.96 -31.90
N GLY C 30 19.58 47.27 -32.51
CA GLY C 30 20.95 47.76 -32.50
C GLY C 30 21.51 47.83 -31.10
N GLU C 31 22.08 48.98 -30.76
CA GLU C 31 22.70 49.21 -29.46
C GLU C 31 21.65 49.71 -28.48
N GLY C 32 22.10 50.22 -27.33
CA GLY C 32 21.19 50.62 -26.27
C GLY C 32 20.41 51.88 -26.60
N GLU C 33 19.55 51.79 -27.61
CA GLU C 33 18.66 52.87 -28.01
C GLU C 33 17.23 52.50 -27.62
N MET C 34 16.54 53.43 -26.97
CA MET C 34 15.19 53.17 -26.50
C MET C 34 14.20 53.20 -27.66
N MET C 35 13.22 52.30 -27.60
CA MET C 35 12.17 52.22 -28.62
C MET C 35 10.82 52.10 -27.95
N ALA C 36 9.77 52.15 -28.76
CA ALA C 36 8.40 51.99 -28.27
C ALA C 36 7.53 51.52 -29.41
N ILE C 37 6.69 50.52 -29.15
CA ILE C 37 5.76 49.97 -30.13
C ILE C 37 4.36 50.01 -29.54
N VAL C 38 3.42 50.55 -30.30
CA VAL C 38 2.05 50.70 -29.83
C VAL C 38 1.09 50.11 -30.87
N GLY C 39 1.61 49.22 -31.70
CA GLY C 39 0.84 48.70 -32.82
C GLY C 39 -0.27 47.74 -32.48
N SER C 40 -1.09 48.09 -31.48
CA SER C 40 -2.28 47.32 -31.11
C SER C 40 -1.96 45.85 -30.91
N SER C 41 -1.16 45.58 -29.87
CA SER C 41 -0.77 44.20 -29.56
C SER C 41 -1.96 43.36 -29.12
N GLY C 42 -3.09 43.97 -28.80
CA GLY C 42 -4.27 43.20 -28.42
C GLY C 42 -4.75 42.26 -29.51
N SER C 43 -4.54 42.63 -30.77
CA SER C 43 -4.85 41.74 -31.88
C SER C 43 -3.95 40.52 -31.92
N GLY C 44 -2.87 40.51 -31.14
CA GLY C 44 -1.96 39.39 -31.08
C GLY C 44 -0.59 39.73 -31.66
N LYS C 45 0.35 40.07 -30.78
CA LYS C 45 1.71 40.37 -31.20
C LYS C 45 2.76 39.83 -30.24
N SER C 46 2.35 39.19 -29.14
CA SER C 46 3.31 38.68 -28.16
C SER C 46 4.14 37.51 -28.70
N THR C 47 3.77 36.95 -29.84
CA THR C 47 4.54 35.83 -30.40
C THR C 47 5.97 36.22 -30.71
N LEU C 48 6.21 37.50 -31.01
CA LEU C 48 7.58 37.94 -31.27
C LEU C 48 8.43 37.82 -30.01
N LEU C 49 7.87 38.15 -28.84
CA LEU C 49 8.59 37.96 -27.59
C LEU C 49 8.89 36.49 -27.34
N HIS C 50 8.01 35.60 -27.80
CA HIS C 50 8.31 34.17 -27.73
C HIS C 50 9.48 33.80 -28.65
N LEU C 51 9.78 34.64 -29.64
CA LEU C 51 10.93 34.44 -30.51
C LEU C 51 12.07 35.40 -30.18
N LEU C 52 11.79 36.69 -30.14
CA LEU C 52 12.78 37.68 -29.72
C LEU C 52 13.10 37.48 -28.24
N GLY C 53 14.30 36.95 -27.97
CA GLY C 53 14.69 36.57 -26.62
C GLY C 53 14.87 35.08 -26.43
N GLY C 54 14.68 34.27 -27.48
CA GLY C 54 14.94 32.85 -27.37
C GLY C 54 13.96 32.08 -26.53
N LEU C 55 12.74 32.60 -26.33
CA LEU C 55 11.74 31.85 -25.59
C LEU C 55 11.33 30.59 -26.36
N ASP C 56 11.12 30.71 -27.66
CA ASP C 56 10.74 29.60 -28.50
C ASP C 56 11.47 29.69 -29.83
N THR C 57 11.71 28.53 -30.44
CA THR C 57 12.37 28.51 -31.74
C THR C 57 11.45 29.07 -32.82
N PRO C 58 11.96 29.93 -33.69
CA PRO C 58 11.13 30.47 -34.76
C PRO C 58 11.06 29.53 -35.95
N THR C 59 9.87 29.51 -36.58
CA THR C 59 9.68 28.65 -37.75
C THR C 59 10.57 29.08 -38.91
N SER C 60 10.66 30.38 -39.15
CA SER C 60 11.46 30.92 -40.24
C SER C 60 12.23 32.14 -39.76
N GLY C 61 13.50 32.22 -40.17
CA GLY C 61 14.33 33.35 -39.82
C GLY C 61 14.80 33.36 -38.38
N ASP C 62 15.91 34.07 -38.12
CA ASP C 62 16.46 34.13 -36.77
C ASP C 62 16.57 35.57 -36.29
N VAL C 63 17.20 35.78 -35.13
CA VAL C 63 17.43 37.09 -34.57
C VAL C 63 18.92 37.25 -34.32
N ILE C 64 19.48 38.36 -34.78
CA ILE C 64 20.90 38.63 -34.60
C ILE C 64 21.10 39.28 -33.23
N PHE C 65 21.88 38.62 -32.38
CA PHE C 65 22.15 39.10 -31.04
C PHE C 65 23.33 40.07 -31.07
N ASN C 66 23.92 40.33 -29.90
CA ASN C 66 25.01 41.30 -29.80
C ASN C 66 26.14 40.99 -30.77
N GLY C 67 26.62 39.74 -30.76
CA GLY C 67 27.72 39.39 -31.64
C GLY C 67 27.65 37.98 -32.19
N GLN C 68 26.55 37.27 -31.94
CA GLN C 68 26.43 35.89 -32.38
C GLN C 68 24.96 35.47 -32.37
N PRO C 69 24.52 34.71 -33.37
CA PRO C 69 23.10 34.30 -33.42
C PRO C 69 22.77 33.27 -32.35
N MET C 70 22.02 33.70 -31.32
CA MET C 70 21.72 32.82 -30.19
C MET C 70 20.86 31.63 -30.59
N SER C 71 20.17 31.70 -31.73
CA SER C 71 19.36 30.57 -32.17
C SER C 71 20.21 29.36 -32.48
N LYS C 72 21.47 29.56 -32.88
CA LYS C 72 22.38 28.46 -33.20
C LYS C 72 23.24 28.09 -31.98
N LEU C 73 22.59 27.83 -30.85
CA LEU C 73 23.29 27.42 -29.64
C LEU C 73 22.36 26.57 -28.79
N SER C 74 22.95 25.85 -27.84
CA SER C 74 22.18 25.00 -26.95
C SER C 74 21.31 25.83 -26.03
N SER C 75 20.21 25.21 -25.57
CA SER C 75 19.29 25.90 -24.67
C SER C 75 19.97 26.30 -23.37
N ALA C 76 20.91 25.47 -22.89
CA ALA C 76 21.67 25.82 -21.71
C ALA C 76 22.48 27.09 -21.94
N ALA C 77 23.12 27.19 -23.10
CA ALA C 77 23.81 28.43 -23.45
C ALA C 77 22.83 29.58 -23.60
N LYS C 78 21.66 29.33 -24.19
CA LYS C 78 20.66 30.37 -24.36
C LYS C 78 20.19 30.91 -23.02
N ALA C 79 19.95 30.03 -22.04
CA ALA C 79 19.45 30.45 -20.74
C ALA C 79 20.44 31.38 -20.05
N GLU C 80 21.74 31.15 -20.24
CA GLU C 80 22.74 32.03 -19.65
C GLU C 80 22.63 33.44 -20.20
N LEU C 81 22.40 33.57 -21.51
CA LEU C 81 22.22 34.90 -22.10
C LEU C 81 20.98 35.58 -21.54
N ARG C 82 19.89 34.83 -21.37
CA ARG C 82 18.65 35.40 -20.85
C ARG C 82 18.84 35.92 -19.43
N ASN C 83 19.58 35.19 -18.59
CA ASN C 83 19.75 35.61 -17.21
C ASN C 83 20.66 36.83 -17.11
N GLN C 84 21.79 36.81 -17.82
CA GLN C 84 22.82 37.82 -17.61
C GLN C 84 22.46 39.17 -18.24
N LYS C 85 21.88 39.16 -19.44
CA LYS C 85 21.66 40.40 -20.19
C LYS C 85 20.20 40.77 -20.32
N LEU C 86 19.36 39.86 -20.80
CA LEU C 86 17.99 40.20 -21.16
C LEU C 86 17.14 40.36 -19.91
N GLY C 87 16.26 41.36 -19.91
CA GLY C 87 15.31 41.54 -18.83
C GLY C 87 13.88 41.54 -19.32
N PHE C 88 13.09 40.57 -18.86
CA PHE C 88 11.72 40.40 -19.31
C PHE C 88 10.74 40.80 -18.23
N ILE C 89 9.66 41.46 -18.62
CA ILE C 89 8.47 41.56 -17.81
C ILE C 89 7.25 40.90 -18.47
N TYR C 90 6.96 41.21 -19.73
CA TYR C 90 5.91 40.55 -20.51
C TYR C 90 4.62 40.52 -19.69
N GLN C 91 3.76 39.53 -19.92
CA GLN C 91 2.57 39.35 -19.11
C GLN C 91 2.49 37.89 -18.68
N PHE C 92 3.60 37.35 -18.16
CA PHE C 92 3.54 36.08 -17.44
C PHE C 92 2.81 36.22 -16.10
N HIS C 93 2.41 37.45 -15.76
CA HIS C 93 1.78 37.84 -14.51
C HIS C 93 2.81 37.89 -13.39
N HIS C 94 4.01 37.38 -13.66
CA HIS C 94 5.17 37.44 -12.78
C HIS C 94 4.80 37.19 -11.32
N LEU C 95 4.00 36.17 -11.05
CA LEU C 95 3.50 35.88 -9.72
C LEU C 95 4.20 34.65 -9.17
N LEU C 96 4.91 34.82 -8.06
CA LEU C 96 5.42 33.69 -7.28
C LEU C 96 4.66 33.66 -5.96
N PRO C 97 3.47 33.05 -5.93
CA PRO C 97 2.70 33.03 -4.69
C PRO C 97 3.41 32.22 -3.63
N ASP C 98 3.20 32.62 -2.37
CA ASP C 98 3.82 32.06 -1.18
C ASP C 98 5.31 32.35 -1.15
N PHE C 99 5.84 33.08 -2.13
CA PHE C 99 7.24 33.49 -2.17
C PHE C 99 7.29 34.99 -1.91
N THR C 100 8.07 35.40 -0.91
CA THR C 100 8.07 36.79 -0.50
C THR C 100 8.67 37.67 -1.60
N ALA C 101 8.20 38.91 -1.66
CA ALA C 101 8.59 39.83 -2.73
C ALA C 101 10.08 40.15 -2.66
N LEU C 102 10.63 40.27 -1.45
CA LEU C 102 12.03 40.63 -1.31
C LEU C 102 12.94 39.60 -1.96
N GLU C 103 12.63 38.31 -1.75
CA GLU C 103 13.37 37.27 -2.46
C GLU C 103 12.92 37.15 -3.91
N ASN C 104 11.65 37.47 -4.17
CA ASN C 104 11.11 37.31 -5.52
C ASN C 104 11.86 38.19 -6.51
N VAL C 105 12.11 39.45 -6.15
CA VAL C 105 12.83 40.36 -7.03
C VAL C 105 14.28 39.90 -7.21
N ALA C 106 14.87 39.31 -6.19
CA ALA C 106 16.25 38.88 -6.23
C ALA C 106 16.44 37.52 -6.89
N MET C 107 15.35 36.89 -7.34
CA MET C 107 15.44 35.55 -7.94
C MET C 107 16.41 35.46 -9.11
N PRO C 108 16.39 36.36 -10.10
CA PRO C 108 17.35 36.21 -11.21
C PRO C 108 18.80 36.26 -10.76
N LEU C 109 19.11 37.06 -9.75
CA LEU C 109 20.46 37.04 -9.19
C LEU C 109 20.68 35.80 -8.33
N LEU C 110 19.61 35.22 -7.80
CA LEU C 110 19.67 34.04 -6.94
C LEU C 110 19.90 32.74 -7.75
N ILE C 111 20.20 32.85 -9.04
CA ILE C 111 20.47 31.69 -9.88
C ILE C 111 21.96 31.39 -9.82
N GLY C 112 22.65 32.00 -8.86
CA GLY C 112 24.07 31.78 -8.69
C GLY C 112 24.87 33.07 -8.76
N LYS C 113 25.59 33.38 -7.70
CA LYS C 113 26.37 34.60 -7.63
C LYS C 113 27.66 34.35 -6.88
N LYS C 114 28.62 35.25 -7.05
CA LYS C 114 29.92 35.10 -6.41
C LYS C 114 29.81 35.16 -4.89
N LYS C 115 28.97 36.05 -4.37
CA LYS C 115 28.80 36.21 -2.93
C LYS C 115 27.32 36.43 -2.62
N PRO C 116 26.68 35.47 -1.95
CA PRO C 116 25.25 35.63 -1.63
C PRO C 116 24.95 36.83 -0.73
N ALA C 117 25.95 37.37 -0.04
CA ALA C 117 25.69 38.40 0.96
C ALA C 117 25.08 39.66 0.35
N GLU C 118 25.58 40.08 -0.80
CA GLU C 118 25.16 41.34 -1.41
C GLU C 118 23.95 41.20 -2.33
N ILE C 119 23.44 39.98 -2.54
CA ILE C 119 22.26 39.80 -3.37
C ILE C 119 21.06 40.53 -2.77
N ASN C 120 20.88 40.39 -1.46
CA ASN C 120 19.78 41.06 -0.78
C ASN C 120 19.90 42.57 -0.89
N SER C 121 21.12 43.10 -0.74
CA SER C 121 21.32 44.54 -0.77
C SER C 121 20.84 45.15 -2.08
N ARG C 122 21.08 44.45 -3.19
CA ARG C 122 20.59 44.93 -4.49
C ARG C 122 19.08 44.96 -4.52
N ALA C 123 18.43 44.04 -3.82
CA ALA C 123 16.97 43.99 -3.82
C ALA C 123 16.38 45.22 -3.13
N LEU C 124 16.90 45.56 -1.95
CA LEU C 124 16.37 46.70 -1.21
C LEU C 124 16.55 48.01 -1.97
N GLU C 125 17.75 48.22 -2.54
CA GLU C 125 18.01 49.47 -3.24
C GLU C 125 17.16 49.63 -4.48
N MET C 126 16.72 48.52 -5.09
CA MET C 126 15.74 48.63 -6.17
C MET C 126 14.34 48.88 -5.65
N LEU C 127 14.01 48.34 -4.47
CA LEU C 127 12.71 48.62 -3.86
C LEU C 127 12.57 50.10 -3.54
N LYS C 128 13.62 50.71 -3.00
CA LYS C 128 13.57 52.16 -2.76
C LYS C 128 13.61 52.94 -4.07
N ALA C 129 14.23 52.37 -5.11
CA ALA C 129 14.24 53.02 -6.41
C ALA C 129 12.82 53.13 -6.97
N VAL C 130 12.03 52.07 -6.85
CA VAL C 130 10.62 52.12 -7.23
C VAL C 130 9.74 52.61 -6.09
N GLY C 131 10.29 52.73 -4.88
CA GLY C 131 9.50 53.15 -3.73
C GLY C 131 8.64 52.03 -3.20
N LEU C 132 9.27 50.96 -2.73
CA LEU C 132 8.54 49.80 -2.24
C LEU C 132 9.15 49.26 -0.94
N ASP C 133 9.80 50.13 -0.16
CA ASP C 133 10.36 49.69 1.12
C ASP C 133 9.26 49.27 2.09
N HIS C 134 8.14 50.01 2.10
CA HIS C 134 7.02 49.65 2.95
C HIS C 134 6.38 48.36 2.44
N ARG C 135 6.00 47.50 3.38
CA ARG C 135 5.37 46.22 3.08
C ARG C 135 6.19 45.41 2.08
N ALA C 136 7.49 45.29 2.35
CA ALA C 136 8.39 44.56 1.48
C ALA C 136 8.46 43.08 1.84
N ASN C 137 8.48 42.75 3.13
CA ASN C 137 8.63 41.36 3.58
C ASN C 137 7.26 40.80 3.94
N HIS C 138 6.48 40.49 2.91
CA HIS C 138 5.21 39.81 3.07
C HIS C 138 4.78 39.27 1.71
N ARG C 139 3.71 38.47 1.72
CA ARG C 139 3.30 37.76 0.52
C ARG C 139 2.80 38.73 -0.54
N PRO C 140 3.07 38.45 -1.82
CA PRO C 140 2.58 39.35 -2.88
C PRO C 140 1.07 39.33 -3.02
N SER C 141 0.44 38.17 -2.77
CA SER C 141 -1.02 38.09 -2.86
C SER C 141 -1.67 39.02 -1.84
N GLU C 142 -1.06 39.17 -0.67
CA GLU C 142 -1.56 40.13 0.32
C GLU C 142 -1.50 41.55 -0.23
N LEU C 143 -0.42 41.88 -0.92
CA LEU C 143 -0.26 43.22 -1.48
C LEU C 143 -1.24 43.45 -2.63
N SER C 144 -1.70 44.69 -2.75
CA SER C 144 -2.67 45.05 -3.78
C SER C 144 -2.03 44.94 -5.17
N GLY C 145 -2.91 44.84 -6.18
CA GLY C 145 -2.45 44.71 -7.55
C GLY C 145 -1.90 45.98 -8.15
N GLY C 146 -2.09 47.12 -7.49
CA GLY C 146 -1.51 48.36 -7.98
C GLY C 146 0.01 48.33 -7.97
N GLU C 147 0.59 47.83 -6.88
CA GLU C 147 2.03 47.69 -6.78
C GLU C 147 2.53 46.37 -7.36
N ARG C 148 1.63 45.55 -7.89
CA ARG C 148 2.02 44.28 -8.50
C ARG C 148 2.98 44.48 -9.65
N GLN C 149 2.70 45.46 -10.51
CA GLN C 149 3.62 45.80 -11.58
C GLN C 149 4.82 46.59 -11.08
N ARG C 150 4.67 47.28 -9.95
CA ARG C 150 5.78 48.06 -9.40
C ARG C 150 6.94 47.17 -9.01
N VAL C 151 6.64 46.02 -8.37
CA VAL C 151 7.69 45.08 -8.04
C VAL C 151 8.08 44.26 -9.26
N ALA C 152 7.17 44.14 -10.24
CA ALA C 152 7.44 43.34 -11.42
C ALA C 152 8.60 43.93 -12.23
N ILE C 153 8.62 45.25 -12.39
CA ILE C 153 9.68 45.87 -13.19
C ILE C 153 11.03 45.71 -12.52
N ALA C 154 11.07 45.79 -11.18
CA ALA C 154 12.34 45.71 -10.47
C ALA C 154 13.02 44.37 -10.74
N ARG C 155 12.25 43.30 -10.80
CA ARG C 155 12.81 41.99 -11.10
C ARG C 155 13.43 41.97 -12.50
N ALA C 156 12.89 42.76 -13.43
CA ALA C 156 13.43 42.81 -14.77
C ALA C 156 14.80 43.48 -14.80
N LEU C 157 14.99 44.55 -14.02
CA LEU C 157 16.21 45.34 -14.08
C LEU C 157 17.13 45.16 -12.87
N VAL C 158 16.80 44.26 -11.95
CA VAL C 158 17.67 44.06 -10.79
C VAL C 158 19.04 43.54 -11.25
N ASN C 159 19.04 42.62 -12.20
CA ASN C 159 20.27 42.27 -12.89
C ASN C 159 20.68 43.40 -13.84
N ASN C 160 21.99 43.50 -14.09
CA ASN C 160 22.52 44.53 -14.97
C ASN C 160 21.91 44.40 -16.34
N PRO C 161 21.04 45.34 -16.75
CA PRO C 161 20.25 45.15 -17.97
C PRO C 161 20.89 45.75 -19.21
N ARG C 162 20.71 45.04 -20.33
CA ARG C 162 21.06 45.55 -21.64
C ARG C 162 19.92 45.43 -22.65
N LEU C 163 19.08 44.41 -22.53
CA LEU C 163 17.87 44.27 -23.34
C LEU C 163 16.68 44.13 -22.39
N VAL C 164 15.69 45.01 -22.55
CA VAL C 164 14.49 45.01 -21.73
C VAL C 164 13.29 45.02 -22.67
N LEU C 165 12.63 43.87 -22.81
CA LEU C 165 11.45 43.75 -23.67
C LEU C 165 10.19 43.99 -22.85
N ALA C 166 10.04 45.23 -22.39
CA ALA C 166 8.97 45.58 -21.48
C ALA C 166 7.61 45.56 -22.19
N ASP C 167 6.59 45.11 -21.46
CA ASP C 167 5.21 45.12 -21.93
C ASP C 167 4.34 45.76 -20.86
N GLU C 168 3.47 46.68 -21.30
CA GLU C 168 2.54 47.37 -20.43
C GLU C 168 3.23 47.93 -19.19
N PRO C 169 4.05 48.98 -19.34
CA PRO C 169 4.72 49.55 -18.16
C PRO C 169 3.80 50.34 -17.26
N THR C 170 2.70 50.88 -17.79
CA THR C 170 1.80 51.69 -16.99
C THR C 170 1.11 50.88 -15.90
N GLY C 171 0.69 49.66 -16.23
CA GLY C 171 -0.09 48.89 -15.27
C GLY C 171 -1.49 49.46 -15.15
N ASN C 172 -1.98 49.51 -13.92
CA ASN C 172 -3.31 50.04 -13.61
C ASN C 172 -3.23 51.01 -12.43
N LEU C 173 -2.23 51.89 -12.47
CA LEU C 173 -1.96 52.83 -11.40
C LEU C 173 -2.05 54.26 -11.93
N ASP C 174 -1.84 55.22 -11.02
CA ASP C 174 -2.09 56.62 -11.32
C ASP C 174 -1.13 57.16 -12.37
N ALA C 175 -1.61 58.15 -13.14
CA ALA C 175 -0.80 58.71 -14.22
C ALA C 175 0.43 59.42 -13.70
N ARG C 176 0.40 59.88 -12.44
CA ARG C 176 1.58 60.55 -11.87
C ARG C 176 2.77 59.60 -11.80
N ASN C 177 2.56 58.42 -11.20
CA ASN C 177 3.62 57.43 -11.16
C ASN C 177 3.77 56.70 -12.48
N ALA C 178 2.70 56.62 -13.28
CA ALA C 178 2.79 55.99 -14.59
C ALA C 178 3.74 56.76 -15.50
N ASP C 179 3.71 58.08 -15.42
CA ASP C 179 4.66 58.89 -16.19
C ASP C 179 6.02 58.94 -15.51
N SER C 180 6.05 58.78 -14.19
CA SER C 180 7.30 58.91 -13.45
C SER C 180 8.26 57.75 -13.70
N ILE C 181 7.76 56.62 -14.22
CA ILE C 181 8.64 55.49 -14.48
C ILE C 181 9.62 55.86 -15.60
N PHE C 182 9.21 56.74 -16.51
CA PHE C 182 10.14 57.23 -17.52
C PHE C 182 11.33 57.93 -16.88
N GLN C 183 11.07 58.73 -15.84
CA GLN C 183 12.15 59.27 -15.04
C GLN C 183 12.93 58.16 -14.35
N LEU C 184 12.22 57.16 -13.83
CA LEU C 184 12.88 56.02 -13.22
C LEU C 184 13.69 55.23 -14.23
N LEU C 185 13.09 54.93 -15.39
CA LEU C 185 13.83 54.26 -16.46
C LEU C 185 14.95 55.14 -16.99
N GLY C 186 14.71 56.45 -17.09
CA GLY C 186 15.76 57.35 -17.52
C GLY C 186 16.96 57.36 -16.60
N GLU C 187 16.73 57.17 -15.29
CA GLU C 187 17.82 57.14 -14.33
C GLU C 187 18.78 56.00 -14.63
N LEU C 188 18.25 54.84 -15.00
CA LEU C 188 19.11 53.72 -15.37
C LEU C 188 19.92 54.03 -16.63
N ASN C 189 19.35 54.82 -17.54
CA ASN C 189 20.10 55.24 -18.72
C ASN C 189 21.26 56.15 -18.33
N ARG C 190 21.10 56.95 -17.28
CA ARG C 190 22.19 57.78 -16.79
C ARG C 190 23.34 56.91 -16.29
N LEU C 191 23.02 55.81 -15.60
CA LEU C 191 24.06 54.89 -15.13
C LEU C 191 24.84 54.30 -16.29
N GLN C 192 24.14 53.73 -17.26
CA GLN C 192 24.76 53.15 -18.46
C GLN C 192 23.66 52.84 -19.45
N GLY C 193 24.05 52.73 -20.72
CA GLY C 193 23.10 52.44 -21.78
C GLY C 193 22.36 51.14 -21.60
N THR C 194 21.03 51.18 -21.72
CA THR C 194 20.21 49.98 -21.58
C THR C 194 18.96 50.14 -22.44
N ALA C 195 18.69 49.15 -23.28
CA ALA C 195 17.56 49.22 -24.20
C ALA C 195 16.25 49.04 -23.45
N PHE C 196 15.22 49.77 -23.90
CA PHE C 196 13.86 49.66 -23.36
C PHE C 196 12.91 49.57 -24.55
N LEU C 197 12.69 48.36 -25.06
CA LEU C 197 11.76 48.14 -26.15
C LEU C 197 10.40 47.76 -25.57
N VAL C 198 9.38 48.54 -25.88
CA VAL C 198 8.06 48.39 -25.28
C VAL C 198 7.05 48.12 -26.39
N VAL C 199 6.25 47.08 -26.20
CA VAL C 199 5.14 46.76 -27.10
C VAL C 199 3.85 46.84 -26.29
N THR C 200 2.97 47.75 -26.69
CA THR C 200 1.72 48.00 -25.97
C THR C 200 0.63 48.32 -26.99
N HIS C 201 -0.51 48.79 -26.49
CA HIS C 201 -1.59 49.26 -27.35
C HIS C 201 -2.24 50.54 -26.83
N ASP C 202 -1.63 51.21 -25.86
CA ASP C 202 -2.19 52.42 -25.26
C ASP C 202 -1.55 53.63 -25.93
N LEU C 203 -2.41 54.50 -26.50
CA LEU C 203 -1.96 55.62 -27.31
C LEU C 203 -1.69 56.89 -26.50
N GLN C 204 -1.89 56.86 -25.18
CA GLN C 204 -1.64 58.04 -24.38
C GLN C 204 -0.16 58.44 -24.41
N LEU C 205 0.74 57.47 -24.32
CA LEU C 205 2.18 57.72 -24.33
C LEU C 205 2.84 57.21 -25.61
N ALA C 206 2.06 56.93 -26.66
CA ALA C 206 2.65 56.46 -27.90
C ALA C 206 3.60 57.50 -28.49
N LYS C 207 3.23 58.78 -28.43
CA LYS C 207 4.05 59.87 -28.91
C LYS C 207 4.94 60.46 -27.83
N ARG C 208 4.93 59.89 -26.63
CA ARG C 208 5.63 60.46 -25.49
C ARG C 208 7.14 60.35 -25.59
N MET C 209 7.67 59.50 -26.46
CA MET C 209 9.11 59.29 -26.53
C MET C 209 9.54 59.30 -28.00
N SER C 210 10.84 59.12 -28.22
CA SER C 210 11.44 59.14 -29.54
C SER C 210 11.72 57.71 -30.02
N ARG C 211 12.02 57.61 -31.31
CA ARG C 211 12.30 56.34 -31.97
C ARG C 211 11.14 55.35 -31.76
N GLN C 212 9.99 55.73 -32.31
CA GLN C 212 8.76 54.93 -32.20
C GLN C 212 8.43 54.35 -33.56
N LEU C 213 8.22 53.04 -33.59
CA LEU C 213 7.84 52.33 -34.81
C LEU C 213 6.46 51.68 -34.62
N GLU C 214 5.96 51.08 -35.69
CA GLU C 214 4.67 50.40 -35.64
C GLU C 214 4.58 49.34 -36.73
N MET C 215 4.16 48.14 -36.36
CA MET C 215 4.07 47.03 -37.31
C MET C 215 3.09 46.00 -36.77
N ARG C 216 1.95 45.86 -37.41
CA ARG C 216 0.91 44.92 -37.00
C ARG C 216 0.69 43.78 -37.98
N ASP C 217 0.81 44.05 -39.29
CA ASP C 217 0.63 43.03 -40.30
C ASP C 217 1.79 42.93 -41.28
N GLY C 218 2.53 44.01 -41.50
CA GLY C 218 3.66 43.98 -42.41
C GLY C 218 4.91 43.40 -41.78
N ILE D 1 -41.78 38.01 -15.82
CA ILE D 1 -42.72 36.89 -15.74
C ILE D 1 -41.97 35.58 -15.57
N LEU D 2 -41.09 35.28 -16.53
CA LEU D 2 -40.31 34.04 -16.49
C LEU D 2 -39.39 34.03 -15.28
N LEU D 3 -38.44 34.97 -15.25
CA LEU D 3 -37.52 35.14 -14.13
C LEU D 3 -37.63 36.57 -13.62
N GLN D 4 -37.81 36.71 -12.31
CA GLN D 4 -37.89 38.02 -11.68
C GLN D 4 -36.65 38.23 -10.82
N CYS D 5 -35.75 39.08 -11.31
CA CYS D 5 -34.50 39.34 -10.59
C CYS D 5 -34.77 40.20 -9.37
N ASP D 6 -33.84 40.12 -8.41
CA ASP D 6 -33.92 40.92 -7.19
C ASP D 6 -32.50 41.33 -6.81
N ASN D 7 -32.35 41.87 -5.60
CA ASN D 7 -31.07 42.40 -5.14
C ASN D 7 -30.06 41.27 -5.01
N LEU D 8 -29.04 41.28 -5.85
CA LEU D 8 -28.01 40.25 -5.86
C LEU D 8 -26.65 40.89 -5.63
N CYS D 9 -25.86 40.29 -4.73
CA CYS D 9 -24.54 40.80 -4.40
C CYS D 9 -23.62 39.65 -4.05
N LYS D 10 -22.32 39.92 -4.08
CA LYS D 10 -21.29 38.94 -3.75
C LYS D 10 -20.70 39.27 -2.38
N ARG D 11 -20.51 38.24 -1.56
CA ARG D 11 -20.05 38.42 -0.18
C ARG D 11 -18.66 37.84 -0.02
N TYR D 12 -17.83 38.53 0.76
CA TYR D 12 -16.50 38.09 1.16
C TYR D 12 -16.46 38.01 2.68
N GLN D 13 -15.26 37.82 3.23
CA GLN D 13 -15.11 37.72 4.67
C GLN D 13 -15.61 38.99 5.35
N GLU D 14 -16.28 38.80 6.50
CA GLU D 14 -16.88 39.92 7.21
C GLU D 14 -15.82 40.93 7.66
N GLY D 15 -14.66 40.44 8.11
CA GLY D 15 -13.60 41.34 8.52
C GLY D 15 -13.08 42.20 7.39
N SER D 16 -12.95 41.63 6.20
CA SER D 16 -12.50 42.37 5.04
C SER D 16 -13.70 42.99 4.31
N VAL D 17 -13.48 43.50 3.12
CA VAL D 17 -14.54 44.14 2.34
C VAL D 17 -15.37 43.06 1.66
N GLN D 18 -16.67 43.07 1.89
CA GLN D 18 -17.55 42.07 1.29
C GLN D 18 -17.64 42.23 -0.22
N THR D 19 -17.48 43.46 -0.73
CA THR D 19 -17.55 43.78 -2.15
C THR D 19 -18.91 43.34 -2.73
N ASP D 20 -19.96 43.99 -2.24
CA ASP D 20 -21.30 43.71 -2.70
C ASP D 20 -21.49 44.19 -4.14
N VAL D 21 -22.21 43.41 -4.93
CA VAL D 21 -22.46 43.77 -6.33
C VAL D 21 -23.57 44.79 -6.44
N LEU D 22 -24.76 44.43 -5.97
CA LEU D 22 -25.91 45.32 -6.02
C LEU D 22 -26.84 45.00 -4.85
N HIS D 23 -27.64 46.00 -4.46
CA HIS D 23 -28.59 45.81 -3.37
C HIS D 23 -29.96 46.43 -3.63
N ASN D 24 -30.16 47.12 -4.76
CA ASN D 24 -31.49 47.63 -5.12
C ASN D 24 -31.70 47.45 -6.62
N VAL D 25 -32.19 46.27 -7.00
CA VAL D 25 -32.53 45.94 -8.38
C VAL D 25 -33.71 44.99 -8.37
N SER D 26 -34.58 45.14 -9.38
CA SER D 26 -35.74 44.25 -9.52
C SER D 26 -36.13 44.24 -11.00
N PHE D 27 -35.83 43.14 -11.68
CA PHE D 27 -36.09 43.01 -13.11
C PHE D 27 -36.83 41.73 -13.40
N SER D 28 -37.66 41.77 -14.44
CA SER D 28 -38.51 40.64 -14.81
C SER D 28 -38.26 40.25 -16.26
N VAL D 29 -38.53 38.99 -16.57
CA VAL D 29 -38.35 38.44 -17.91
C VAL D 29 -39.72 38.25 -18.53
N GLY D 30 -39.97 38.94 -19.65
CA GLY D 30 -41.19 38.72 -20.40
C GLY D 30 -41.09 37.49 -21.27
N GLU D 31 -42.15 36.69 -21.26
CA GLU D 31 -42.17 35.43 -22.02
C GLU D 31 -42.35 35.77 -23.49
N GLY D 32 -41.25 35.77 -24.24
CA GLY D 32 -41.28 36.06 -25.65
C GLY D 32 -40.25 37.11 -26.07
N GLU D 33 -40.02 38.10 -25.22
CA GLU D 33 -39.03 39.14 -25.46
C GLU D 33 -37.93 39.04 -24.42
N MET D 34 -36.90 39.88 -24.59
CA MET D 34 -35.68 39.76 -23.82
C MET D 34 -35.18 41.13 -23.39
N MET D 35 -34.20 41.13 -22.50
CA MET D 35 -33.56 42.32 -21.97
C MET D 35 -32.14 42.44 -22.52
N ALA D 36 -31.45 43.50 -22.11
CA ALA D 36 -30.02 43.66 -22.39
C ALA D 36 -29.48 44.64 -21.36
N ILE D 37 -28.66 44.14 -20.44
CA ILE D 37 -28.13 44.97 -19.35
C ILE D 37 -26.61 44.86 -19.34
N VAL D 38 -25.94 45.95 -19.68
CA VAL D 38 -24.47 46.04 -19.66
C VAL D 38 -24.08 47.48 -19.31
N GLY D 39 -23.16 47.61 -18.36
CA GLY D 39 -22.58 48.90 -18.02
C GLY D 39 -21.09 48.76 -17.84
N SER D 40 -20.53 49.53 -16.92
CA SER D 40 -19.12 49.38 -16.59
C SER D 40 -18.90 48.09 -15.81
N SER D 41 -17.96 47.27 -16.27
CA SER D 41 -17.70 45.97 -15.68
C SER D 41 -16.68 46.10 -14.55
N GLY D 42 -16.19 44.97 -14.07
CA GLY D 42 -15.18 44.96 -13.04
C GLY D 42 -15.67 44.73 -11.62
N SER D 43 -16.95 44.37 -11.45
CA SER D 43 -17.51 44.13 -10.13
C SER D 43 -18.34 42.85 -10.13
N GLY D 44 -17.84 41.80 -10.76
CA GLY D 44 -18.52 40.53 -10.77
C GLY D 44 -19.63 40.38 -11.78
N LYS D 45 -19.69 41.25 -12.79
CA LYS D 45 -20.74 41.16 -13.80
C LYS D 45 -20.65 39.85 -14.57
N SER D 46 -19.43 39.43 -14.92
CA SER D 46 -19.26 38.15 -15.60
C SER D 46 -19.72 37.01 -14.71
N THR D 47 -19.40 37.06 -13.42
CA THR D 47 -19.89 36.04 -12.49
C THR D 47 -21.37 36.24 -12.18
N LEU D 48 -21.89 37.45 -12.37
CA LEU D 48 -23.31 37.70 -12.13
C LEU D 48 -24.18 36.86 -13.06
N LEU D 49 -23.65 36.49 -14.23
CA LEU D 49 -24.37 35.58 -15.12
C LEU D 49 -24.63 34.25 -14.42
N HIS D 50 -23.63 33.73 -13.71
CA HIS D 50 -23.80 32.48 -12.98
C HIS D 50 -24.78 32.64 -11.82
N LEU D 51 -24.92 33.86 -11.29
CA LEU D 51 -25.85 34.09 -10.19
C LEU D 51 -27.29 33.81 -10.61
N LEU D 52 -27.66 34.22 -11.82
CA LEU D 52 -29.02 33.97 -12.29
C LEU D 52 -29.31 32.47 -12.37
N GLY D 53 -28.35 31.69 -12.85
CA GLY D 53 -28.52 30.25 -12.87
C GLY D 53 -28.48 29.65 -11.48
N GLY D 54 -29.02 28.44 -11.39
CA GLY D 54 -29.08 27.74 -10.11
C GLY D 54 -27.74 27.17 -9.69
N LEU D 55 -26.79 28.04 -9.33
CA LEU D 55 -25.45 27.62 -8.96
C LEU D 55 -25.12 27.94 -7.51
N ASP D 56 -25.30 29.18 -7.09
CA ASP D 56 -24.95 29.62 -5.74
C ASP D 56 -26.13 30.31 -5.09
N THR D 57 -26.26 30.10 -3.78
CA THR D 57 -27.31 30.78 -3.04
C THR D 57 -27.01 32.27 -2.96
N PRO D 58 -27.94 33.13 -3.37
CA PRO D 58 -27.67 34.57 -3.35
C PRO D 58 -27.49 35.10 -1.94
N THR D 59 -26.64 36.12 -1.81
CA THR D 59 -26.40 36.77 -0.53
C THR D 59 -27.45 37.85 -0.35
N SER D 60 -28.40 37.61 0.56
CA SER D 60 -29.52 38.51 0.78
C SER D 60 -30.28 38.78 -0.51
N GLY D 61 -30.49 37.72 -1.30
CA GLY D 61 -31.18 37.84 -2.57
C GLY D 61 -31.95 36.58 -2.88
N ASP D 62 -32.81 36.69 -3.89
CA ASP D 62 -33.67 35.57 -4.28
C ASP D 62 -34.15 35.78 -5.71
N VAL D 63 -34.41 34.67 -6.40
CA VAL D 63 -34.97 34.68 -7.73
C VAL D 63 -36.15 33.72 -7.78
N ILE D 64 -37.07 33.98 -8.70
CA ILE D 64 -38.29 33.19 -8.83
C ILE D 64 -38.45 32.77 -10.29
N PHE D 65 -39.07 31.62 -10.48
CA PHE D 65 -39.38 31.07 -11.79
C PHE D 65 -40.89 31.13 -11.99
N ASN D 66 -41.37 30.60 -13.12
CA ASN D 66 -42.78 30.67 -13.45
C ASN D 66 -43.64 30.06 -12.35
N GLY D 67 -44.38 30.92 -11.66
CA GLY D 67 -45.37 30.49 -10.69
C GLY D 67 -44.83 29.87 -9.43
N GLN D 68 -43.52 29.82 -9.25
CA GLN D 68 -42.94 29.15 -8.09
C GLN D 68 -41.48 29.57 -7.89
N PRO D 69 -41.03 29.71 -6.65
CA PRO D 69 -39.68 30.22 -6.40
C PRO D 69 -38.60 29.23 -6.80
N MET D 70 -37.45 29.77 -7.20
CA MET D 70 -36.31 28.97 -7.63
C MET D 70 -35.27 28.77 -6.53
N SER D 71 -35.19 29.68 -5.57
CA SER D 71 -34.24 29.56 -4.47
C SER D 71 -34.76 28.72 -3.32
N LYS D 72 -35.98 28.20 -3.41
CA LYS D 72 -36.60 27.39 -2.38
C LYS D 72 -36.92 26.00 -2.89
N LEU D 73 -35.99 25.40 -3.63
CA LEU D 73 -36.15 24.06 -4.17
C LEU D 73 -34.89 23.24 -3.90
N SER D 74 -35.06 21.93 -3.88
CA SER D 74 -33.94 21.03 -3.68
C SER D 74 -33.06 20.98 -4.94
N SER D 75 -31.87 20.40 -4.77
CA SER D 75 -30.95 20.28 -5.90
C SER D 75 -31.54 19.41 -7.01
N ALA D 76 -32.21 18.33 -6.62
CA ALA D 76 -32.86 17.48 -7.62
C ALA D 76 -33.95 18.23 -8.36
N ALA D 77 -34.74 19.02 -7.63
CA ALA D 77 -35.78 19.83 -8.28
C ALA D 77 -35.17 20.87 -9.21
N LYS D 78 -34.05 21.47 -8.80
CA LYS D 78 -33.40 22.45 -9.65
C LYS D 78 -32.93 21.83 -10.98
N ALA D 79 -32.53 20.56 -10.94
CA ALA D 79 -31.94 19.92 -12.11
C ALA D 79 -32.89 19.94 -13.30
N GLU D 80 -34.14 19.51 -13.11
CA GLU D 80 -35.08 19.45 -14.21
C GLU D 80 -35.42 20.85 -14.73
N LEU D 81 -35.41 21.85 -13.84
CA LEU D 81 -35.74 23.21 -14.25
C LEU D 81 -34.72 23.77 -15.23
N ARG D 82 -33.45 23.42 -15.06
CA ARG D 82 -32.38 23.97 -15.89
C ARG D 82 -31.80 22.96 -16.86
N ASN D 83 -32.49 21.84 -17.09
CA ASN D 83 -31.98 20.81 -18.00
C ASN D 83 -32.53 20.97 -19.41
N GLN D 84 -33.86 20.92 -19.56
CA GLN D 84 -34.50 20.95 -20.87
C GLN D 84 -35.06 22.31 -21.24
N LYS D 85 -34.87 23.33 -20.40
CA LYS D 85 -35.51 24.62 -20.65
C LYS D 85 -34.52 25.78 -20.63
N LEU D 86 -33.45 25.66 -19.85
CA LEU D 86 -32.51 26.76 -19.63
C LEU D 86 -31.11 26.32 -20.00
N GLY D 87 -30.46 27.11 -20.86
CA GLY D 87 -29.08 26.87 -21.22
C GLY D 87 -28.41 28.17 -21.61
N PHE D 88 -27.09 28.22 -21.38
CA PHE D 88 -26.37 29.47 -21.59
C PHE D 88 -24.87 29.18 -21.71
N ILE D 89 -24.20 29.91 -22.60
CA ILE D 89 -22.75 29.79 -22.77
C ILE D 89 -22.04 30.65 -21.73
N TYR D 90 -20.73 30.50 -21.64
CA TYR D 90 -19.94 31.13 -20.59
C TYR D 90 -18.93 32.11 -21.18
N GLN D 91 -18.08 32.66 -20.32
CA GLN D 91 -17.10 33.65 -20.74
C GLN D 91 -15.99 33.01 -21.57
N PHE D 92 -15.26 32.07 -20.96
CA PHE D 92 -14.11 31.47 -21.59
C PHE D 92 -14.54 30.26 -22.42
N HIS D 93 -13.55 29.47 -22.87
CA HIS D 93 -13.80 28.32 -23.73
C HIS D 93 -14.16 27.11 -22.87
N HIS D 94 -15.37 27.18 -22.29
CA HIS D 94 -15.93 26.08 -21.50
C HIS D 94 -16.79 25.23 -22.44
N LEU D 95 -16.15 24.23 -23.07
CA LEU D 95 -16.91 23.29 -23.90
C LEU D 95 -16.46 21.85 -23.68
N LEU D 96 -15.85 21.55 -22.52
CA LEU D 96 -15.51 20.20 -22.11
C LEU D 96 -14.59 19.53 -23.14
N PRO D 97 -13.32 19.94 -23.21
CA PRO D 97 -12.43 19.39 -24.25
C PRO D 97 -12.01 17.94 -24.00
N ASP D 98 -12.97 17.06 -23.82
CA ASP D 98 -12.71 15.63 -23.72
C ASP D 98 -13.55 14.80 -24.68
N PHE D 99 -14.81 15.19 -24.91
CA PHE D 99 -15.69 14.46 -25.79
C PHE D 99 -15.49 14.94 -27.22
N THR D 100 -16.36 14.51 -28.13
CA THR D 100 -16.38 15.01 -29.48
C THR D 100 -17.34 16.19 -29.59
N ALA D 101 -17.14 17.03 -30.59
CA ALA D 101 -18.01 18.19 -30.79
C ALA D 101 -19.46 17.76 -30.96
N LEU D 102 -19.67 16.60 -31.60
CA LEU D 102 -21.02 16.04 -31.67
C LEU D 102 -21.55 15.73 -30.28
N GLU D 103 -20.71 15.16 -29.42
CA GLU D 103 -21.14 14.84 -28.07
C GLU D 103 -21.34 16.10 -27.23
N ASN D 104 -20.49 17.10 -27.41
CA ASN D 104 -20.66 18.36 -26.70
C ASN D 104 -22.00 18.99 -27.04
N VAL D 105 -22.35 19.00 -28.34
CA VAL D 105 -23.64 19.54 -28.75
C VAL D 105 -24.77 18.71 -28.17
N ALA D 106 -24.64 17.38 -28.22
CA ALA D 106 -25.68 16.48 -27.77
C ALA D 106 -25.59 16.16 -26.28
N MET D 107 -24.67 16.78 -25.56
CA MET D 107 -24.51 16.51 -24.12
C MET D 107 -25.80 16.71 -23.32
N PRO D 108 -26.52 17.83 -23.43
CA PRO D 108 -27.79 17.91 -22.69
C PRO D 108 -28.89 17.08 -23.29
N LEU D 109 -28.81 16.76 -24.58
CA LEU D 109 -29.74 15.82 -25.19
C LEU D 109 -29.60 14.44 -24.54
N LEU D 110 -28.36 14.00 -24.30
CA LEU D 110 -28.14 12.71 -23.67
C LEU D 110 -28.70 12.69 -22.24
N ILE D 111 -28.69 13.83 -21.56
CA ILE D 111 -29.24 13.93 -20.21
C ILE D 111 -30.73 14.22 -20.38
N GLY D 112 -31.51 13.16 -20.54
CA GLY D 112 -32.93 13.28 -20.76
C GLY D 112 -33.54 12.08 -21.45
N LYS D 113 -34.44 12.31 -22.39
CA LYS D 113 -35.06 11.21 -23.13
C LYS D 113 -34.04 10.54 -24.04
N LYS D 114 -34.16 9.24 -24.20
CA LYS D 114 -33.23 8.45 -25.01
C LYS D 114 -33.89 8.18 -26.36
N LYS D 115 -33.69 9.13 -27.29
CA LYS D 115 -34.09 8.98 -28.69
C LYS D 115 -32.82 8.98 -29.53
N PRO D 116 -32.00 7.92 -29.44
CA PRO D 116 -30.68 7.96 -30.08
C PRO D 116 -30.73 8.21 -31.57
N ALA D 117 -31.76 7.72 -32.26
CA ALA D 117 -31.93 8.04 -33.67
C ALA D 117 -32.11 9.54 -33.87
N GLU D 118 -32.91 10.17 -33.00
CA GLU D 118 -33.13 11.61 -33.10
C GLU D 118 -31.95 12.41 -32.56
N ILE D 119 -31.30 11.93 -31.49
CA ILE D 119 -30.26 12.71 -30.83
C ILE D 119 -29.10 12.98 -31.79
N ASN D 120 -28.61 11.94 -32.46
CA ASN D 120 -27.51 12.13 -33.39
C ASN D 120 -27.96 12.90 -34.62
N SER D 121 -29.17 12.63 -35.12
CA SER D 121 -29.63 13.27 -36.33
C SER D 121 -29.81 14.78 -36.15
N ARG D 122 -30.42 15.18 -35.03
CA ARG D 122 -30.70 16.60 -34.84
C ARG D 122 -29.41 17.40 -34.70
N ALA D 123 -28.43 16.87 -33.97
CA ALA D 123 -27.22 17.63 -33.68
C ALA D 123 -26.44 17.94 -34.95
N LEU D 124 -26.33 16.99 -35.87
CA LEU D 124 -25.57 17.21 -37.10
C LEU D 124 -26.18 18.35 -37.91
N GLU D 125 -27.49 18.30 -38.15
CA GLU D 125 -28.14 19.35 -38.92
C GLU D 125 -28.17 20.65 -38.14
N MET D 126 -28.44 20.59 -36.83
CA MET D 126 -28.51 21.81 -36.02
C MET D 126 -27.15 22.50 -35.95
N LEU D 127 -26.08 21.73 -35.78
CA LEU D 127 -24.74 22.31 -35.84
C LEU D 127 -24.45 22.83 -37.25
N LYS D 128 -24.92 22.10 -38.27
CA LYS D 128 -24.81 22.60 -39.64
C LYS D 128 -25.63 23.87 -39.82
N ALA D 129 -26.79 23.95 -39.16
CA ALA D 129 -27.58 25.18 -39.19
C ALA D 129 -26.79 26.33 -38.60
N VAL D 130 -25.98 26.07 -37.58
CA VAL D 130 -25.05 27.07 -37.07
C VAL D 130 -23.99 27.38 -38.13
N GLY D 131 -23.66 26.42 -38.98
CA GLY D 131 -22.66 26.62 -40.01
C GLY D 131 -21.46 25.70 -39.86
N LEU D 132 -21.69 24.49 -39.34
CA LEU D 132 -20.61 23.51 -39.14
C LEU D 132 -21.17 22.11 -39.41
N ASP D 133 -20.85 21.57 -40.58
CA ASP D 133 -21.14 20.19 -40.91
C ASP D 133 -19.87 19.39 -41.11
N HIS D 134 -18.99 19.85 -42.01
CA HIS D 134 -17.72 19.17 -42.24
C HIS D 134 -16.81 19.34 -41.03
N ARG D 135 -15.99 18.32 -40.79
CA ARG D 135 -15.02 18.31 -39.67
C ARG D 135 -15.69 18.43 -38.32
N ALA D 136 -16.99 18.15 -38.24
CA ALA D 136 -17.70 18.24 -36.97
C ALA D 136 -17.27 17.17 -35.98
N ASN D 137 -16.76 16.03 -36.47
CA ASN D 137 -16.32 14.96 -35.58
C ASN D 137 -15.00 15.27 -34.90
N HIS D 138 -14.31 16.34 -35.29
CA HIS D 138 -13.03 16.67 -34.70
C HIS D 138 -13.18 17.08 -33.24
N ARG D 139 -12.16 16.78 -32.45
CA ARG D 139 -12.15 17.18 -31.05
C ARG D 139 -12.03 18.69 -30.93
N PRO D 140 -12.59 19.28 -29.87
CA PRO D 140 -12.49 20.74 -29.70
C PRO D 140 -11.05 21.25 -29.62
N SER D 141 -10.13 20.44 -29.11
CA SER D 141 -8.74 20.87 -29.04
C SER D 141 -8.18 21.13 -30.43
N GLU D 142 -8.47 20.24 -31.38
CA GLU D 142 -8.08 20.45 -32.77
C GLU D 142 -9.20 21.18 -33.52
N LEU D 143 -9.30 22.48 -33.25
CA LEU D 143 -10.35 23.31 -33.81
C LEU D 143 -9.90 24.77 -33.79
N SER D 144 -10.57 25.59 -34.61
CA SER D 144 -10.29 27.02 -34.63
C SER D 144 -10.71 27.66 -33.31
N GLY D 145 -9.94 28.66 -32.88
CA GLY D 145 -10.23 29.31 -31.61
C GLY D 145 -11.59 29.98 -31.58
N GLY D 146 -11.91 30.75 -32.63
CA GLY D 146 -13.23 31.36 -32.71
C GLY D 146 -14.32 30.33 -32.87
N GLU D 147 -14.02 29.23 -33.58
CA GLU D 147 -15.00 28.17 -33.77
C GLU D 147 -15.36 27.48 -32.47
N ARG D 148 -14.50 27.61 -31.45
CA ARG D 148 -14.78 27.02 -30.14
C ARG D 148 -16.04 27.62 -29.55
N GLN D 149 -16.22 28.93 -29.67
CA GLN D 149 -17.37 29.60 -29.07
C GLN D 149 -18.67 29.21 -29.78
N ARG D 150 -18.66 29.18 -31.12
CA ARG D 150 -19.89 28.96 -31.86
C ARG D 150 -20.47 27.57 -31.59
N VAL D 151 -19.59 26.60 -31.33
CA VAL D 151 -20.06 25.26 -30.96
C VAL D 151 -20.85 25.32 -29.66
N ALA D 152 -20.35 26.07 -28.68
CA ALA D 152 -21.05 26.21 -27.42
C ALA D 152 -22.43 26.85 -27.61
N ILE D 153 -22.55 27.75 -28.59
CA ILE D 153 -23.83 28.40 -28.84
C ILE D 153 -24.88 27.38 -29.22
N ALA D 154 -24.52 26.45 -30.09
CA ALA D 154 -25.43 25.34 -30.41
C ALA D 154 -25.68 24.48 -29.18
N ARG D 155 -24.66 24.27 -28.35
CA ARG D 155 -24.84 23.50 -27.12
C ARG D 155 -25.83 24.17 -26.18
N ALA D 156 -25.80 25.50 -26.11
CA ALA D 156 -26.69 26.23 -25.23
C ALA D 156 -28.16 26.11 -25.65
N LEU D 157 -28.44 25.65 -26.86
CA LEU D 157 -29.79 25.53 -27.37
C LEU D 157 -30.19 24.06 -27.36
N VAL D 158 -31.40 23.77 -26.90
CA VAL D 158 -31.87 22.40 -26.69
C VAL D 158 -33.19 22.22 -27.42
N ASN D 159 -33.85 21.08 -27.20
CA ASN D 159 -35.15 20.79 -27.79
C ASN D 159 -36.11 21.97 -27.65
N ASN D 160 -36.39 22.38 -26.42
CA ASN D 160 -37.31 23.48 -26.13
C ASN D 160 -36.64 24.41 -25.13
N PRO D 161 -35.70 25.25 -25.59
CA PRO D 161 -35.05 26.18 -24.66
C PRO D 161 -35.96 27.34 -24.31
N ARG D 162 -36.49 27.33 -23.09
CA ARG D 162 -37.45 28.36 -22.69
C ARG D 162 -36.76 29.71 -22.52
N LEU D 163 -35.52 29.71 -22.04
CA LEU D 163 -34.81 30.96 -21.81
C LEU D 163 -33.30 30.68 -21.83
N VAL D 164 -32.56 31.65 -22.37
CA VAL D 164 -31.11 31.65 -22.32
C VAL D 164 -30.67 32.95 -21.66
N LEU D 165 -29.64 32.86 -20.81
CA LEU D 165 -29.15 34.02 -20.07
C LEU D 165 -27.68 34.29 -20.35
N ALA D 166 -27.19 33.84 -21.50
CA ALA D 166 -25.81 34.08 -21.88
C ALA D 166 -25.59 35.55 -22.20
N ASP D 167 -24.33 36.00 -22.08
CA ASP D 167 -24.00 37.39 -22.31
C ASP D 167 -22.75 37.60 -23.16
N GLU D 168 -22.17 36.55 -23.73
CA GLU D 168 -20.97 36.70 -24.57
C GLU D 168 -21.10 35.89 -25.85
N PRO D 169 -21.99 36.31 -26.76
CA PRO D 169 -21.94 35.75 -28.12
C PRO D 169 -20.75 36.27 -28.92
N THR D 170 -20.18 37.40 -28.53
CA THR D 170 -19.03 37.98 -29.22
C THR D 170 -17.75 37.44 -28.58
N GLY D 171 -16.62 38.06 -28.92
CA GLY D 171 -15.33 37.60 -28.45
C GLY D 171 -14.43 37.18 -29.58
N ASN D 172 -14.13 35.89 -29.67
CA ASN D 172 -13.32 35.35 -30.76
C ASN D 172 -14.22 35.19 -31.97
N LEU D 173 -14.24 36.20 -32.83
CA LEU D 173 -15.10 36.23 -34.01
C LEU D 173 -14.24 36.47 -35.25
N ASP D 174 -14.91 36.58 -36.39
CA ASP D 174 -14.26 36.85 -37.66
C ASP D 174 -14.76 38.10 -38.36
N ALA D 175 -15.90 38.66 -37.94
CA ALA D 175 -16.52 39.86 -38.48
C ALA D 175 -16.99 39.71 -39.92
N ARG D 176 -16.84 38.53 -40.52
CA ARG D 176 -17.31 38.28 -41.88
C ARG D 176 -18.47 37.28 -41.89
N ASN D 177 -18.27 36.10 -41.31
CA ASN D 177 -19.33 35.12 -41.16
C ASN D 177 -19.79 34.94 -39.72
N ALA D 178 -19.06 35.50 -38.76
CA ALA D 178 -19.46 35.42 -37.36
C ALA D 178 -20.67 36.29 -37.04
N ASP D 179 -21.08 37.18 -37.95
CA ASP D 179 -22.26 37.99 -37.74
C ASP D 179 -23.55 37.18 -37.82
N SER D 180 -23.49 35.94 -38.31
CA SER D 180 -24.70 35.15 -38.48
C SER D 180 -25.36 34.82 -37.14
N ILE D 181 -24.56 34.58 -36.11
CA ILE D 181 -25.11 34.16 -34.82
C ILE D 181 -25.99 35.24 -34.22
N PHE D 182 -25.77 36.50 -34.59
CA PHE D 182 -26.62 37.58 -34.10
C PHE D 182 -28.07 37.38 -34.53
N GLN D 183 -28.29 37.02 -35.79
CA GLN D 183 -29.65 36.85 -36.30
C GLN D 183 -30.20 35.45 -36.06
N LEU D 184 -29.36 34.47 -35.68
CA LEU D 184 -29.87 33.13 -35.43
C LEU D 184 -30.87 33.11 -34.30
N LEU D 185 -30.56 33.78 -33.19
CA LEU D 185 -31.52 33.87 -32.09
C LEU D 185 -32.78 34.61 -32.55
N GLY D 186 -32.61 35.71 -33.27
CA GLY D 186 -33.76 36.43 -33.78
C GLY D 186 -34.56 35.61 -34.77
N GLU D 187 -33.89 34.80 -35.59
CA GLU D 187 -34.59 33.96 -36.55
C GLU D 187 -35.49 32.95 -35.86
N LEU D 188 -35.00 32.35 -34.76
CA LEU D 188 -35.87 31.48 -33.97
C LEU D 188 -37.04 32.25 -33.38
N ASN D 189 -36.79 33.48 -32.90
CA ASN D 189 -37.90 34.32 -32.47
C ASN D 189 -38.83 34.63 -33.63
N ARG D 190 -38.27 34.89 -34.82
CA ARG D 190 -39.09 35.07 -36.01
C ARG D 190 -39.74 33.77 -36.46
N LEU D 191 -39.28 32.63 -35.95
CA LEU D 191 -39.87 31.32 -36.22
C LEU D 191 -40.48 30.72 -34.96
N GLN D 192 -41.15 31.55 -34.16
CA GLN D 192 -41.83 31.14 -32.93
C GLN D 192 -40.85 30.49 -31.94
N GLY D 193 -39.90 31.29 -31.48
CA GLY D 193 -38.95 30.85 -30.47
C GLY D 193 -39.37 31.24 -29.06
N THR D 194 -38.39 31.46 -28.19
CA THR D 194 -38.65 31.83 -26.81
C THR D 194 -37.74 33.00 -26.44
N ALA D 195 -37.88 33.47 -25.19
CA ALA D 195 -37.10 34.61 -24.72
C ALA D 195 -35.62 34.26 -24.70
N PHE D 196 -34.81 35.16 -25.27
CA PHE D 196 -33.37 34.95 -25.42
C PHE D 196 -32.63 36.15 -24.83
N LEU D 197 -32.40 36.12 -23.52
CA LEU D 197 -31.67 37.20 -22.84
C LEU D 197 -30.20 37.10 -23.22
N VAL D 198 -29.70 38.14 -23.91
CA VAL D 198 -28.32 38.15 -24.37
C VAL D 198 -27.90 39.60 -24.60
N VAL D 199 -26.69 39.93 -24.13
CA VAL D 199 -26.11 41.26 -24.33
C VAL D 199 -24.61 41.21 -24.06
N THR D 200 -23.83 41.88 -24.90
CA THR D 200 -22.37 41.83 -24.82
C THR D 200 -21.83 43.03 -24.03
N HIS D 201 -20.61 42.88 -23.52
CA HIS D 201 -20.00 43.94 -22.73
C HIS D 201 -19.78 45.21 -23.54
N ASP D 202 -19.64 45.08 -24.86
CA ASP D 202 -19.47 46.22 -25.75
C ASP D 202 -20.80 46.51 -26.44
N LEU D 203 -21.31 47.72 -26.27
CA LEU D 203 -22.61 48.07 -26.83
C LEU D 203 -22.54 48.29 -28.34
N GLN D 204 -21.35 48.59 -28.87
CA GLN D 204 -21.20 48.82 -30.30
C GLN D 204 -21.58 47.57 -31.08
N LEU D 205 -22.42 47.75 -32.10
CA LEU D 205 -22.95 46.67 -32.92
C LEU D 205 -23.65 45.59 -32.10
N ALA D 206 -24.10 45.94 -30.89
CA ALA D 206 -24.79 45.00 -30.01
C ALA D 206 -26.05 45.56 -29.39
N LYS D 207 -26.36 46.84 -29.56
CA LYS D 207 -27.60 47.42 -29.07
C LYS D 207 -28.79 47.10 -29.97
N ARG D 208 -28.64 46.15 -30.89
CA ARG D 208 -29.68 45.80 -31.85
C ARG D 208 -30.76 44.92 -31.25
N MET D 209 -30.83 44.80 -29.93
CA MET D 209 -31.82 43.96 -29.29
C MET D 209 -33.05 44.78 -28.96
N SER D 210 -33.96 44.17 -28.19
CA SER D 210 -35.24 44.82 -27.90
C SER D 210 -35.07 46.09 -27.08
N ARG D 211 -34.26 46.05 -26.02
CA ARG D 211 -34.12 47.19 -25.12
C ARG D 211 -32.79 47.11 -24.42
N GLN D 212 -32.26 48.26 -24.01
CA GLN D 212 -30.86 48.39 -23.61
C GLN D 212 -30.79 48.98 -22.21
N LEU D 213 -30.00 48.36 -21.33
CA LEU D 213 -29.89 48.75 -19.93
C LEU D 213 -28.43 49.04 -19.58
N GLU D 214 -28.20 49.35 -18.31
CA GLU D 214 -26.86 49.60 -17.78
C GLU D 214 -26.66 48.79 -16.50
N MET D 215 -25.40 48.59 -16.14
CA MET D 215 -25.03 47.81 -14.96
C MET D 215 -24.49 48.76 -13.89
N ARG D 216 -24.91 48.53 -12.65
CA ARG D 216 -24.59 49.42 -11.54
C ARG D 216 -23.76 48.68 -10.49
N ASP D 217 -22.94 49.43 -9.76
CA ASP D 217 -22.06 48.90 -8.75
C ASP D 217 -22.47 49.36 -7.35
N GLY D 218 -23.77 49.33 -7.08
CA GLY D 218 -24.29 49.75 -5.79
C GLY D 218 -23.89 48.85 -4.64
N ALA E 5 7.18 -27.27 9.10
CA ALA E 5 7.77 -28.53 9.52
C ALA E 5 8.18 -29.44 8.35
N ALA E 6 8.48 -30.83 8.62
CA ALA E 6 8.89 -31.71 7.52
C ALA E 6 7.65 -32.24 6.81
#